data_1VQW
#
_entry.id   1VQW
#
_cell.length_a   59.590
_cell.length_b   72.640
_cell.length_c   80.350
_cell.angle_alpha   99.00
_cell.angle_beta   107.09
_cell.angle_gamma   102.02
#
_symmetry.space_group_name_H-M   'P 1'
#
loop_
_entity.id
_entity.type
_entity.pdbx_description
1 polymer 'PROTEIN WITH SIMILARITY TO FLAVIN-CONTAINING MONOOXYGENASES AND TO MAMMALIAN DIMETHYLALANINE MONOOXYGENASES'
2 non-polymer 'FLAVIN-ADENINE DINUCLEOTIDE'
3 non-polymer '4-(2-HYDROXYETHYL)-1-PIPERAZINE ETHANESULFONIC ACID'
4 water water
#
_entity_poly.entity_id   1
_entity_poly.type   'polypeptide(L)'
_entity_poly.pdbx_seq_one_letter_code
;(MSE)SLCLPTIRKIAIIGAGPSGLVTAKALLAEKAFDQVTLFERRGSPGGVWNYTSTLSNKLPVPSTNPILTTEPIVGP
AALPVYPSPLYRDLQTNTPIEL(MSE)GYCDQSFKPQTLQFPHRHTIQEYQRIYAQPLLPFIKLATDVLDIEKKDGSWVV
TYKGTKAGSPISKDIFDAVSICNGHYEVPYIPNIKGLDEYAKAVPGSVLHSSLFREPELFVGESVLVVGGASSANDLVRH
LTPVAKHPIYQSLLGGGDIQNESLQQVPEITKFDPTTREIYLKGGKVLSNIDRVIYCTGYLYSVPFPSLAKLKSPETKLI
DDGSHVHNVYQHIFYIPDPTLAFVGLALHVVPFPTSQAQAAFLARVWSGRLKLPSKEEQLKWQDEL(MSE)FSLSGANN
(MSE)YHSLDYPKDATYINKLHDWCKQATPVLEEEFPSPYWGEKERSIREN(MSE)WSIRAKFFGIEPPKEGHHHHHH
;
_entity_poly.pdbx_strand_id   A,B
#
# COMPACT_ATOMS: atom_id res chain seq x y z
N LEU A 5 -9.11 -37.12 16.09
CA LEU A 5 -9.58 -38.13 15.10
C LEU A 5 -8.42 -38.45 14.14
N PRO A 6 -7.33 -39.02 14.68
CA PRO A 6 -6.10 -39.39 13.97
C PRO A 6 -6.06 -39.35 12.44
N THR A 7 -6.82 -40.17 11.74
CA THR A 7 -6.76 -40.10 10.28
C THR A 7 -7.37 -38.78 9.81
N ILE A 8 -6.52 -37.77 9.69
CA ILE A 8 -6.96 -36.45 9.28
C ILE A 8 -6.99 -36.33 7.77
N ARG A 9 -8.09 -35.79 7.26
CA ARG A 9 -8.26 -35.61 5.82
C ARG A 9 -8.66 -34.19 5.45
N LYS A 10 -9.49 -33.56 6.29
CA LYS A 10 -9.95 -32.21 6.01
C LYS A 10 -9.44 -31.23 7.06
N ILE A 11 -8.55 -30.35 6.63
CA ILE A 11 -7.94 -29.36 7.51
C ILE A 11 -8.34 -27.94 7.20
N ALA A 12 -8.59 -27.17 8.26
CA ALA A 12 -8.95 -25.78 8.12
C ALA A 12 -7.79 -24.93 8.65
N ILE A 13 -7.49 -23.84 7.97
CA ILE A 13 -6.42 -22.94 8.34
C ILE A 13 -6.97 -21.52 8.49
N ILE A 14 -6.88 -20.96 9.70
CA ILE A 14 -7.40 -19.63 9.96
C ILE A 14 -6.30 -18.58 9.74
N GLY A 15 -6.39 -17.88 8.62
CA GLY A 15 -5.40 -16.87 8.31
C GLY A 15 -4.60 -17.26 7.08
N ALA A 16 -4.39 -16.30 6.18
CA ALA A 16 -3.64 -16.53 4.96
C ALA A 16 -2.43 -15.59 4.92
N GLY A 17 -1.83 -15.37 6.10
CA GLY A 17 -0.65 -14.54 6.19
C GLY A 17 0.56 -15.46 6.10
N PRO A 18 1.78 -14.96 6.33
CA PRO A 18 2.98 -15.80 6.24
C PRO A 18 2.85 -17.18 6.92
N SER A 19 2.29 -17.19 8.13
CA SER A 19 2.12 -18.45 8.90
C SER A 19 1.13 -19.41 8.26
N GLY A 20 -0.04 -18.90 7.90
CA GLY A 20 -1.06 -19.74 7.28
C GLY A 20 -0.60 -20.28 5.94
N LEU A 21 0.08 -19.44 5.16
CA LEU A 21 0.56 -19.87 3.84
C LEU A 21 1.60 -20.96 3.90
N VAL A 22 2.58 -20.86 4.80
CA VAL A 22 3.59 -21.92 4.83
C VAL A 22 2.97 -23.18 5.45
N THR A 23 1.89 -22.99 6.20
CA THR A 23 1.20 -24.13 6.80
C THR A 23 0.50 -24.90 5.69
N ALA A 24 -0.08 -24.18 4.74
CA ALA A 24 -0.78 -24.81 3.62
C ALA A 24 0.21 -25.62 2.77
N LYS A 25 1.34 -25.02 2.40
CA LYS A 25 2.32 -25.73 1.58
C LYS A 25 2.83 -26.99 2.26
N ALA A 26 3.19 -26.88 3.54
CA ALA A 26 3.67 -28.03 4.30
C ALA A 26 2.59 -29.12 4.30
N LEU A 27 1.37 -28.73 4.62
CA LEU A 27 0.26 -29.66 4.65
C LEU A 27 0.04 -30.36 3.31
N LEU A 28 -0.08 -29.58 2.24
CA LEU A 28 -0.29 -30.17 0.91
C LEU A 28 0.87 -31.05 0.45
N ALA A 29 2.07 -30.79 0.97
CA ALA A 29 3.24 -31.59 0.58
C ALA A 29 3.23 -32.97 1.21
N GLU A 30 2.32 -33.19 2.18
CA GLU A 30 2.24 -34.50 2.82
C GLU A 30 1.49 -35.48 1.93
N LYS A 31 0.74 -34.97 0.95
CA LYS A 31 -0.02 -35.82 0.04
C LYS A 31 -0.93 -36.78 0.80
N ALA A 32 -1.45 -36.35 1.95
CA ALA A 32 -2.29 -37.22 2.76
C ALA A 32 -3.63 -36.62 3.13
N PHE A 33 -3.85 -35.37 2.77
CA PHE A 33 -5.10 -34.72 3.10
C PHE A 33 -5.92 -34.51 1.84
N ASP A 34 -7.23 -34.66 1.95
CA ASP A 34 -8.11 -34.48 0.81
C ASP A 34 -8.55 -33.03 0.68
N GLN A 35 -8.48 -32.30 1.79
CA GLN A 35 -8.89 -30.92 1.78
C GLN A 35 -8.07 -30.04 2.72
N VAL A 36 -7.46 -29.01 2.14
CA VAL A 36 -6.68 -28.04 2.89
C VAL A 36 -7.33 -26.72 2.48
N THR A 37 -8.06 -26.12 3.40
CA THR A 37 -8.75 -24.87 3.14
C THR A 37 -8.27 -23.73 4.01
N LEU A 38 -8.00 -22.58 3.41
CA LEU A 38 -7.56 -21.42 4.18
C LEU A 38 -8.68 -20.40 4.24
N PHE A 39 -8.79 -19.71 5.36
CA PHE A 39 -9.80 -18.67 5.53
C PHE A 39 -9.05 -17.37 5.80
N GLU A 40 -9.45 -16.30 5.10
CA GLU A 40 -8.80 -15.01 5.25
C GLU A 40 -9.81 -13.89 5.10
N ARG A 41 -9.94 -13.07 6.14
CA ARG A 41 -10.85 -11.94 6.16
C ARG A 41 -10.47 -10.85 5.16
N ARG A 42 -9.17 -10.71 4.89
CA ARG A 42 -8.69 -9.73 3.94
C ARG A 42 -9.02 -10.22 2.53
N GLY A 43 -9.03 -9.30 1.57
CA GLY A 43 -9.31 -9.67 0.18
C GLY A 43 -8.10 -10.36 -0.45
N SER A 44 -6.95 -10.26 0.20
CA SER A 44 -5.70 -10.86 -0.29
C SER A 44 -4.84 -11.48 0.82
N PRO A 45 -3.99 -12.45 0.48
CA PRO A 45 -3.10 -13.12 1.43
C PRO A 45 -1.87 -12.27 1.77
N GLY A 46 -1.05 -12.74 2.70
CA GLY A 46 0.15 -12.02 3.09
C GLY A 46 0.08 -11.39 4.47
N GLY A 47 -1.08 -11.50 5.12
CA GLY A 47 -1.25 -10.94 6.45
C GLY A 47 -0.93 -9.46 6.54
N VAL A 48 -0.16 -9.09 7.56
CA VAL A 48 0.22 -7.70 7.80
C VAL A 48 0.96 -7.04 6.65
N TRP A 49 1.55 -7.84 5.77
CA TRP A 49 2.27 -7.25 4.65
C TRP A 49 1.35 -6.64 3.62
N ASN A 50 0.10 -6.41 4.00
CA ASN A 50 -0.85 -5.74 3.12
C ASN A 50 -0.90 -4.30 3.64
N TYR A 51 0.03 -3.46 3.20
CA TYR A 51 0.07 -2.06 3.66
C TYR A 51 -1.25 -1.31 3.43
N THR A 52 -1.73 -0.60 4.44
CA THR A 52 -2.97 0.14 4.33
C THR A 52 -2.87 1.59 4.80
N SER A 53 -3.18 2.53 3.92
CA SER A 53 -3.14 3.93 4.29
C SER A 53 -4.26 4.17 5.32
N THR A 54 -5.21 3.23 5.36
CA THR A 54 -6.34 3.25 6.27
C THR A 54 -5.96 2.88 7.68
N LEU A 55 -6.44 3.66 8.65
CA LEU A 55 -6.17 3.36 10.05
C LEU A 55 -7.42 2.77 10.65
N SER A 56 -7.28 2.18 11.83
CA SER A 56 -8.41 1.61 12.54
C SER A 56 -9.32 2.78 12.83
N ASN A 57 -10.62 2.53 12.90
CA ASN A 57 -11.58 3.59 13.16
C ASN A 57 -11.61 4.01 14.64
N LYS A 58 -11.51 3.05 15.54
CA LYS A 58 -11.56 3.34 16.98
C LYS A 58 -10.48 2.60 17.78
N LEU A 59 -9.48 3.33 18.27
CA LEU A 59 -8.42 2.73 19.05
C LEU A 59 -8.83 2.64 20.52
N PRO A 60 -9.03 1.42 21.03
CA PRO A 60 -9.42 1.33 22.44
C PRO A 60 -8.32 1.89 23.35
N VAL A 61 -8.70 2.82 24.22
CA VAL A 61 -7.76 3.41 25.16
C VAL A 61 -8.38 3.50 26.56
N PRO A 62 -7.90 2.68 27.50
CA PRO A 62 -6.83 1.69 27.31
C PRO A 62 -7.34 0.45 26.64
N SER A 63 -6.46 -0.52 26.42
CA SER A 63 -6.83 -1.79 25.81
C SER A 63 -6.18 -2.91 26.61
N THR A 64 -6.99 -3.75 27.24
CA THR A 64 -6.46 -4.82 28.06
C THR A 64 -7.20 -6.13 27.82
N ASN A 65 -8.26 -6.06 27.02
CA ASN A 65 -9.06 -7.24 26.74
C ASN A 65 -8.67 -7.92 25.42
N PRO A 66 -8.04 -9.10 25.49
CA PRO A 66 -7.60 -9.84 24.30
C PRO A 66 -8.73 -10.41 23.46
N ILE A 67 -9.97 -10.13 23.83
CA ILE A 67 -11.08 -10.67 23.07
C ILE A 67 -11.60 -9.64 22.06
N LEU A 68 -11.24 -8.38 22.28
CA LEU A 68 -11.63 -7.27 21.42
C LEU A 68 -11.81 -7.67 19.96
N THR A 69 -12.94 -7.29 19.38
CA THR A 69 -13.23 -7.62 17.99
C THR A 69 -12.65 -6.60 17.04
N THR A 70 -11.87 -7.09 16.07
CA THR A 70 -11.27 -6.20 15.07
C THR A 70 -12.36 -5.70 14.12
N GLU A 71 -12.58 -4.39 14.13
CA GLU A 71 -13.59 -3.76 13.30
C GLU A 71 -13.00 -3.17 12.02
N PRO A 72 -13.30 -3.77 10.86
CA PRO A 72 -12.78 -3.29 9.58
C PRO A 72 -13.43 -1.99 9.13
N ILE A 73 -12.80 -1.34 8.15
CA ILE A 73 -13.33 -0.11 7.61
C ILE A 73 -14.22 -0.49 6.44
N VAL A 74 -15.50 -0.16 6.52
CA VAL A 74 -16.43 -0.49 5.47
C VAL A 74 -16.93 0.73 4.74
N GLY A 75 -17.45 0.51 3.54
CA GLY A 75 -17.97 1.58 2.72
C GLY A 75 -18.83 0.91 1.66
N PRO A 76 -19.64 1.66 0.90
CA PRO A 76 -20.46 1.03 -0.14
C PRO A 76 -19.69 0.74 -1.43
N ALA A 77 -18.56 1.41 -1.60
CA ALA A 77 -17.75 1.25 -2.81
C ALA A 77 -16.49 0.40 -2.67
N ALA A 78 -16.27 -0.22 -1.52
CA ALA A 78 -15.08 -1.02 -1.36
C ALA A 78 -15.31 -2.29 -0.58
N LEU A 79 -14.33 -3.16 -0.62
CA LEU A 79 -14.40 -4.40 0.13
C LEU A 79 -13.95 -3.99 1.53
N PRO A 80 -14.43 -4.68 2.57
CA PRO A 80 -14.02 -4.31 3.92
C PRO A 80 -12.49 -4.38 4.04
N VAL A 81 -11.89 -3.32 4.60
CA VAL A 81 -10.46 -3.26 4.79
C VAL A 81 -10.05 -3.49 6.25
N TYR A 82 -9.08 -4.38 6.46
CA TYR A 82 -8.57 -4.67 7.78
C TYR A 82 -7.21 -4.03 7.82
N PRO A 83 -7.13 -2.83 8.41
CA PRO A 83 -5.87 -2.07 8.52
C PRO A 83 -4.73 -2.88 9.11
N SER A 84 -3.55 -2.73 8.54
CA SER A 84 -2.36 -3.43 9.00
C SER A 84 -1.50 -2.42 9.74
N PRO A 85 -0.76 -2.87 10.75
CA PRO A 85 0.10 -1.95 11.51
C PRO A 85 1.37 -1.46 10.82
N LEU A 86 1.70 -1.99 9.65
CA LEU A 86 2.92 -1.57 8.98
C LEU A 86 2.91 -0.09 8.57
N TYR A 87 4.01 0.62 8.80
CA TYR A 87 4.06 2.01 8.41
C TYR A 87 4.73 2.20 7.06
N ARG A 88 4.59 3.42 6.52
CA ARG A 88 5.09 3.74 5.19
C ARG A 88 6.56 3.49 4.88
N ASP A 89 7.45 4.02 5.71
CA ASP A 89 8.87 3.87 5.47
C ASP A 89 9.50 2.63 6.08
N LEU A 90 8.67 1.69 6.52
CA LEU A 90 9.20 0.49 7.15
C LEU A 90 10.19 -0.36 6.35
N GLN A 91 11.24 -0.80 7.03
CA GLN A 91 12.25 -1.69 6.47
C GLN A 91 12.42 -2.77 7.54
N THR A 92 12.71 -3.99 7.12
CA THR A 92 12.84 -5.09 8.07
C THR A 92 13.91 -4.89 9.14
N ASN A 93 13.79 -5.67 10.21
CA ASN A 93 14.79 -5.63 11.27
C ASN A 93 15.36 -7.05 11.29
N THR A 94 15.13 -7.77 10.19
CA THR A 94 15.60 -9.15 10.02
C THR A 94 16.30 -9.25 8.66
N PRO A 95 17.58 -9.69 8.65
CA PRO A 95 18.38 -9.83 7.42
C PRO A 95 17.85 -10.84 6.41
N ILE A 96 18.04 -10.55 5.13
CA ILE A 96 17.58 -11.46 4.07
C ILE A 96 18.24 -12.83 4.13
N GLU A 97 19.40 -12.91 4.80
CA GLU A 97 20.10 -14.19 4.89
C GLU A 97 19.35 -15.11 5.84
N LEU A 98 18.46 -14.53 6.62
CA LEU A 98 17.72 -15.30 7.59
C LEU A 98 16.20 -15.28 7.44
N GLY A 100 12.46 -15.05 5.56
CA GLY A 100 12.04 -15.77 4.37
C GLY A 100 12.26 -17.26 4.45
N TYR A 101 11.40 -17.98 3.74
CA TYR A 101 11.42 -19.42 3.69
C TYR A 101 12.72 -19.95 3.07
N CYS A 102 13.09 -21.17 3.42
CA CYS A 102 14.33 -21.72 2.88
C CYS A 102 14.22 -22.21 1.44
N ASP A 103 13.00 -22.38 0.95
CA ASP A 103 12.83 -22.80 -0.44
C ASP A 103 12.44 -21.69 -1.42
N GLN A 104 12.47 -20.44 -0.97
CA GLN A 104 12.20 -19.29 -1.84
C GLN A 104 13.14 -18.21 -1.35
N SER A 105 14.04 -17.76 -2.21
CA SER A 105 14.96 -16.73 -1.78
C SER A 105 14.63 -15.36 -2.33
N PHE A 106 15.43 -14.36 -1.95
CA PHE A 106 15.21 -13.01 -2.43
C PHE A 106 15.96 -12.77 -3.72
N LYS A 107 15.36 -12.00 -4.62
CA LYS A 107 16.01 -11.71 -5.88
C LYS A 107 17.35 -11.08 -5.56
N PRO A 108 18.32 -11.19 -6.47
CA PRO A 108 19.66 -10.61 -6.25
C PRO A 108 19.61 -9.10 -6.22
N GLN A 109 20.50 -8.50 -5.43
CA GLN A 109 20.57 -7.05 -5.29
C GLN A 109 19.54 -6.49 -4.33
N THR A 110 18.98 -7.37 -3.50
CA THR A 110 18.01 -6.94 -2.51
C THR A 110 18.77 -6.42 -1.29
N LEU A 111 18.30 -5.32 -0.69
CA LEU A 111 18.97 -4.76 0.48
C LEU A 111 18.89 -5.81 1.59
N GLN A 112 19.87 -5.82 2.48
CA GLN A 112 19.89 -6.82 3.55
C GLN A 112 18.70 -6.68 4.50
N PHE A 113 18.27 -5.44 4.69
CA PHE A 113 17.11 -5.12 5.50
C PHE A 113 16.24 -4.28 4.54
N PRO A 114 15.55 -4.95 3.61
CA PRO A 114 14.70 -4.31 2.60
C PRO A 114 13.44 -3.65 3.09
N HIS A 115 12.91 -2.82 2.20
CA HIS A 115 11.67 -2.11 2.43
C HIS A 115 10.53 -3.12 2.36
N ARG A 116 9.42 -2.80 2.98
CA ARG A 116 8.29 -3.70 2.98
C ARG A 116 7.82 -4.04 1.59
N HIS A 117 8.07 -3.15 0.63
CA HIS A 117 7.66 -3.43 -0.76
C HIS A 117 8.19 -4.81 -1.15
N THR A 118 9.47 -5.02 -0.88
CA THR A 118 10.17 -6.26 -1.22
C THR A 118 9.51 -7.48 -0.56
N ILE A 119 9.14 -7.32 0.72
CA ILE A 119 8.53 -8.42 1.46
C ILE A 119 7.07 -8.62 1.03
N GLN A 120 6.38 -7.52 0.72
CA GLN A 120 5.00 -7.63 0.27
C GLN A 120 5.03 -8.39 -1.07
N GLU A 121 6.01 -8.04 -1.91
CA GLU A 121 6.15 -8.71 -3.21
C GLU A 121 6.53 -10.17 -2.96
N TYR A 122 7.36 -10.39 -1.95
CA TYR A 122 7.79 -11.73 -1.57
C TYR A 122 6.56 -12.57 -1.25
N GLN A 123 5.72 -12.10 -0.34
CA GLN A 123 4.49 -12.80 0.04
C GLN A 123 3.58 -13.06 -1.17
N ARG A 124 3.40 -12.05 -2.01
CA ARG A 124 2.56 -12.18 -3.19
C ARG A 124 2.99 -13.40 -4.02
N ILE A 125 4.30 -13.48 -4.28
CA ILE A 125 4.82 -14.58 -5.06
C ILE A 125 4.59 -15.92 -4.35
N TYR A 126 4.89 -15.96 -3.06
CA TYR A 126 4.72 -17.16 -2.27
C TYR A 126 3.28 -17.65 -2.21
N ALA A 127 2.34 -16.72 -2.06
CA ALA A 127 0.92 -17.06 -1.97
C ALA A 127 0.19 -17.41 -3.26
N GLN A 128 0.65 -16.90 -4.40
CA GLN A 128 -0.04 -17.15 -5.66
C GLN A 128 -0.54 -18.58 -5.93
N PRO A 129 0.35 -19.59 -5.85
CA PRO A 129 -0.15 -20.94 -6.12
C PRO A 129 -1.22 -21.43 -5.13
N LEU A 130 -1.39 -20.70 -4.03
CA LEU A 130 -2.38 -21.09 -3.02
C LEU A 130 -3.73 -20.38 -3.12
N LEU A 131 -3.86 -19.41 -4.03
CA LEU A 131 -5.11 -18.68 -4.18
C LEU A 131 -6.33 -19.57 -4.38
N PRO A 132 -6.18 -20.66 -5.14
CA PRO A 132 -7.37 -21.51 -5.32
C PRO A 132 -7.75 -22.27 -4.05
N PHE A 133 -6.83 -22.35 -3.10
CA PHE A 133 -7.11 -23.04 -1.85
C PHE A 133 -7.63 -22.11 -0.75
N ILE A 134 -7.59 -20.80 -0.99
CA ILE A 134 -8.02 -19.82 0.00
C ILE A 134 -9.43 -19.26 -0.20
N LYS A 135 -10.15 -19.08 0.89
CA LYS A 135 -11.48 -18.46 0.79
C LYS A 135 -11.23 -17.03 1.27
N LEU A 136 -11.08 -16.13 0.32
CA LEU A 136 -10.80 -14.72 0.57
C LEU A 136 -12.01 -13.92 1.03
N ALA A 137 -11.74 -12.79 1.68
CA ALA A 137 -12.79 -11.91 2.21
C ALA A 137 -13.81 -12.78 2.95
N THR A 138 -13.33 -13.52 3.94
CA THR A 138 -14.15 -14.41 4.73
C THR A 138 -13.63 -14.49 6.18
N ASP A 139 -14.47 -14.02 7.09
CA ASP A 139 -14.16 -13.95 8.52
C ASP A 139 -14.66 -15.21 9.26
N VAL A 140 -13.75 -15.88 9.97
CA VAL A 140 -14.13 -17.07 10.74
C VAL A 140 -14.64 -16.50 12.05
N LEU A 141 -15.90 -16.80 12.37
CA LEU A 141 -16.54 -16.30 13.59
C LEU A 141 -16.33 -17.13 14.85
N ASP A 142 -16.35 -18.45 14.71
CA ASP A 142 -16.18 -19.31 15.86
C ASP A 142 -15.66 -20.69 15.48
N ILE A 143 -15.06 -21.36 16.45
CA ILE A 143 -14.49 -22.67 16.26
C ILE A 143 -14.78 -23.55 17.47
N GLU A 144 -15.40 -24.71 17.23
CA GLU A 144 -15.68 -25.63 18.33
C GLU A 144 -15.81 -27.08 17.90
N LYS A 145 -15.47 -27.97 18.83
CA LYS A 145 -15.55 -29.40 18.60
C LYS A 145 -16.99 -29.81 18.82
N LYS A 146 -17.60 -30.36 17.78
CA LYS A 146 -18.98 -30.82 17.83
C LYS A 146 -18.89 -32.24 17.35
N ASP A 147 -19.52 -33.16 18.08
CA ASP A 147 -19.46 -34.56 17.71
C ASP A 147 -17.98 -34.96 17.58
N GLY A 148 -17.59 -35.56 16.45
CA GLY A 148 -16.20 -35.95 16.33
C GLY A 148 -15.27 -35.02 15.56
N SER A 149 -15.77 -33.84 15.19
CA SER A 149 -14.96 -32.91 14.42
C SER A 149 -15.05 -31.46 14.88
N TRP A 150 -14.36 -30.59 14.14
CA TRP A 150 -14.36 -29.17 14.44
C TRP A 150 -15.33 -28.46 13.52
N VAL A 151 -16.20 -27.66 14.11
CA VAL A 151 -17.16 -26.89 13.34
C VAL A 151 -16.71 -25.44 13.31
N VAL A 152 -16.23 -25.00 12.15
CA VAL A 152 -15.79 -23.62 12.01
C VAL A 152 -16.87 -22.81 11.32
N THR A 153 -17.41 -21.85 12.07
CA THR A 153 -18.46 -20.97 11.56
C THR A 153 -17.79 -19.75 10.95
N TYR A 154 -18.22 -19.39 9.74
CA TYR A 154 -17.63 -18.28 9.00
C TYR A 154 -18.61 -17.52 8.12
N LYS A 155 -18.47 -16.20 8.11
CA LYS A 155 -19.35 -15.33 7.34
C LYS A 155 -18.49 -14.63 6.29
N GLY A 156 -18.92 -14.71 5.05
CA GLY A 156 -18.18 -14.05 3.99
C GLY A 156 -18.10 -12.56 4.32
N THR A 157 -16.94 -11.97 4.11
CA THR A 157 -16.80 -10.54 4.35
C THR A 157 -17.51 -9.93 3.16
N LYS A 158 -18.31 -8.90 3.44
CA LYS A 158 -19.08 -8.21 2.40
C LYS A 158 -20.50 -8.13 2.95
N ALA A 159 -21.01 -6.91 3.01
CA ALA A 159 -22.35 -6.67 3.54
C ALA A 159 -23.37 -7.67 3.02
N GLY A 160 -24.09 -8.31 3.95
CA GLY A 160 -25.12 -9.25 3.56
C GLY A 160 -24.74 -10.69 3.28
N SER A 161 -23.55 -11.10 3.71
CA SER A 161 -23.14 -12.47 3.50
C SER A 161 -23.83 -13.31 4.56
N PRO A 162 -24.22 -14.53 4.23
CA PRO A 162 -24.90 -15.41 5.18
C PRO A 162 -23.92 -16.25 6.00
N ILE A 163 -24.22 -16.43 7.28
CA ILE A 163 -23.36 -17.23 8.14
C ILE A 163 -23.36 -18.66 7.64
N SER A 164 -22.15 -19.20 7.48
CA SER A 164 -21.97 -20.56 6.98
C SER A 164 -21.22 -21.44 7.99
N LYS A 165 -21.25 -22.75 7.79
CA LYS A 165 -20.57 -23.71 8.66
C LYS A 165 -20.02 -24.90 7.90
N ASP A 166 -18.85 -25.38 8.34
CA ASP A 166 -18.21 -26.55 7.74
C ASP A 166 -17.41 -27.32 8.78
N ILE A 167 -17.40 -28.64 8.67
CA ILE A 167 -16.69 -29.47 9.63
C ILE A 167 -15.32 -29.87 9.12
N PHE A 168 -14.37 -30.01 10.04
CA PHE A 168 -13.00 -30.38 9.70
C PHE A 168 -12.43 -31.35 10.72
N ASP A 169 -11.43 -32.10 10.30
CA ASP A 169 -10.78 -33.04 11.19
C ASP A 169 -9.80 -32.30 12.11
N ALA A 170 -9.11 -31.32 11.53
CA ALA A 170 -8.14 -30.51 12.22
C ALA A 170 -8.30 -29.04 11.86
N VAL A 171 -7.76 -28.16 12.71
CA VAL A 171 -7.83 -26.73 12.50
C VAL A 171 -6.51 -26.12 12.94
N SER A 172 -5.93 -25.28 12.09
CA SER A 172 -4.67 -24.62 12.39
C SER A 172 -4.90 -23.11 12.44
N ILE A 173 -4.69 -22.54 13.62
CA ILE A 173 -4.89 -21.11 13.82
C ILE A 173 -3.61 -20.34 13.57
N CYS A 174 -3.64 -19.48 12.57
CA CYS A 174 -2.51 -18.67 12.17
C CYS A 174 -2.96 -17.23 12.01
N ASN A 175 -3.82 -16.79 12.92
CA ASN A 175 -4.40 -15.45 12.92
C ASN A 175 -3.52 -14.28 13.35
N GLY A 176 -2.25 -14.53 13.64
CA GLY A 176 -1.36 -13.45 14.05
C GLY A 176 -1.63 -12.88 15.44
N HIS A 177 -0.64 -12.24 16.04
CA HIS A 177 -0.80 -11.67 17.37
C HIS A 177 -0.39 -10.19 17.48
N TYR A 178 -0.59 -9.45 16.40
CA TYR A 178 -0.27 -8.03 16.39
C TYR A 178 -1.45 -7.20 15.91
N GLU A 179 -2.65 -7.55 16.38
CA GLU A 179 -3.85 -6.84 15.98
C GLU A 179 -4.48 -6.09 17.15
N VAL A 180 -4.78 -6.81 18.21
CA VAL A 180 -5.36 -6.24 19.43
C VAL A 180 -4.26 -5.51 20.18
N PRO A 181 -4.36 -4.18 20.26
CA PRO A 181 -3.37 -3.34 20.95
C PRO A 181 -3.36 -3.54 22.46
N TYR A 182 -2.19 -3.30 23.05
CA TYR A 182 -2.10 -3.38 24.50
C TYR A 182 -1.69 -2.02 24.99
N ILE A 183 -2.61 -1.36 25.70
CA ILE A 183 -2.34 -0.06 26.30
C ILE A 183 -2.77 -0.21 27.74
N PRO A 184 -1.81 -0.25 28.67
CA PRO A 184 -2.08 -0.39 30.11
C PRO A 184 -3.01 0.68 30.67
N ASN A 185 -3.94 0.26 31.51
CA ASN A 185 -4.87 1.20 32.10
C ASN A 185 -4.21 2.03 33.21
N ILE A 186 -3.86 3.26 32.87
CA ILE A 186 -3.23 4.16 33.82
C ILE A 186 -4.31 5.05 34.41
N LYS A 187 -3.94 5.81 35.45
CA LYS A 187 -4.85 6.71 36.12
C LYS A 187 -5.20 7.92 35.27
N GLY A 188 -6.47 8.01 34.85
CA GLY A 188 -6.92 9.13 34.04
C GLY A 188 -6.50 9.17 32.58
N LEU A 189 -6.21 8.01 32.00
CA LEU A 189 -5.81 7.95 30.60
C LEU A 189 -7.04 7.99 29.70
N ASP A 190 -8.06 7.23 30.07
CA ASP A 190 -9.30 7.17 29.30
C ASP A 190 -9.82 8.58 29.08
N GLU A 191 -10.02 9.32 30.17
CA GLU A 191 -10.54 10.67 30.08
C GLU A 191 -9.62 11.55 29.25
N TYR A 192 -8.33 11.56 29.62
CA TYR A 192 -7.34 12.35 28.91
C TYR A 192 -7.38 12.10 27.41
N ALA A 193 -7.56 10.84 27.03
CA ALA A 193 -7.62 10.45 25.63
C ALA A 193 -8.86 10.97 24.92
N LYS A 194 -10.03 10.74 25.52
CA LYS A 194 -11.30 11.17 24.94
C LYS A 194 -11.45 12.69 24.88
N ALA A 195 -10.68 13.40 25.70
CA ALA A 195 -10.75 14.87 25.72
C ALA A 195 -10.25 15.48 24.40
N VAL A 196 -9.11 15.00 23.91
CA VAL A 196 -8.53 15.48 22.65
C VAL A 196 -8.26 14.29 21.76
N PRO A 197 -9.24 13.91 20.92
CA PRO A 197 -9.24 12.80 19.98
C PRO A 197 -7.93 12.22 19.40
N GLY A 198 -6.98 13.03 19.02
CA GLY A 198 -5.75 12.44 18.49
C GLY A 198 -4.55 12.53 19.42
N SER A 199 -4.81 12.87 20.68
CA SER A 199 -3.76 13.05 21.69
C SER A 199 -3.03 11.77 22.09
N VAL A 200 -3.74 10.65 22.04
CA VAL A 200 -3.12 9.38 22.41
C VAL A 200 -3.18 8.38 21.25
N LEU A 201 -2.02 7.82 20.91
CA LEU A 201 -1.94 6.86 19.81
C LEU A 201 -1.24 5.60 20.28
N HIS A 202 -1.25 4.59 19.41
CA HIS A 202 -0.59 3.31 19.65
C HIS A 202 0.18 3.08 18.34
N SER A 203 1.30 2.36 18.42
CA SER A 203 2.13 2.09 17.24
C SER A 203 1.36 1.59 16.01
N SER A 204 0.29 0.84 16.22
CA SER A 204 -0.48 0.30 15.11
C SER A 204 -1.11 1.38 14.23
N LEU A 205 -1.14 2.61 14.73
CA LEU A 205 -1.73 3.72 13.99
C LEU A 205 -0.70 4.52 13.20
N PHE A 206 0.57 4.43 13.59
CA PHE A 206 1.61 5.17 12.90
C PHE A 206 1.67 4.82 11.40
N ARG A 207 1.92 5.83 10.57
CA ARG A 207 2.02 5.63 9.12
C ARG A 207 3.07 6.55 8.50
N GLU A 208 2.80 7.84 8.61
CA GLU A 208 3.67 8.85 8.06
C GLU A 208 4.21 9.80 9.14
N PRO A 209 5.53 9.89 9.26
CA PRO A 209 6.10 10.78 10.27
C PRO A 209 5.77 12.28 10.10
N GLU A 210 5.53 12.72 8.86
CA GLU A 210 5.25 14.14 8.62
C GLU A 210 4.06 14.70 9.41
N LEU A 211 3.24 13.81 9.95
CA LEU A 211 2.09 14.24 10.76
C LEU A 211 2.56 14.95 12.02
N PHE A 212 3.66 14.47 12.58
CA PHE A 212 4.19 15.00 13.82
C PHE A 212 5.15 16.18 13.77
N VAL A 213 5.31 16.81 12.61
CA VAL A 213 6.23 17.94 12.54
C VAL A 213 5.78 19.05 13.51
N GLY A 214 6.72 19.63 14.23
CA GLY A 214 6.40 20.69 15.17
C GLY A 214 5.73 20.21 16.45
N GLU A 215 5.18 19.00 16.43
CA GLU A 215 4.52 18.49 17.61
C GLU A 215 5.48 17.97 18.68
N SER A 216 5.07 18.07 19.94
CA SER A 216 5.85 17.60 21.07
C SER A 216 5.32 16.21 21.39
N VAL A 217 6.17 15.20 21.23
CA VAL A 217 5.74 13.83 21.43
C VAL A 217 6.35 13.05 22.58
N LEU A 218 5.56 12.11 23.10
CA LEU A 218 5.98 11.23 24.17
C LEU A 218 5.78 9.80 23.69
N VAL A 219 6.89 9.09 23.53
CA VAL A 219 6.86 7.68 23.13
C VAL A 219 6.95 6.90 24.45
N VAL A 220 6.01 5.99 24.67
CA VAL A 220 6.03 5.19 25.90
C VAL A 220 6.36 3.75 25.58
N GLY A 221 7.51 3.29 26.07
CA GLY A 221 7.95 1.93 25.83
C GLY A 221 9.43 1.93 25.55
N GLY A 222 10.07 0.78 25.73
CA GLY A 222 11.51 0.72 25.50
C GLY A 222 11.96 -0.36 24.55
N ALA A 223 11.01 -1.14 24.05
CA ALA A 223 11.29 -2.23 23.11
C ALA A 223 11.68 -1.68 21.74
N SER A 224 12.08 -2.57 20.84
CA SER A 224 12.52 -2.19 19.48
C SER A 224 11.57 -1.22 18.79
N SER A 225 10.27 -1.50 18.86
CA SER A 225 9.27 -0.65 18.22
C SER A 225 9.34 0.81 18.68
N ALA A 226 9.51 1.01 19.98
CA ALA A 226 9.56 2.35 20.54
C ALA A 226 10.83 3.09 20.12
N ASN A 227 11.95 2.38 20.06
CA ASN A 227 13.20 3.00 19.66
C ASN A 227 13.16 3.38 18.19
N ASP A 228 12.48 2.57 17.38
CA ASP A 228 12.34 2.85 15.96
C ASP A 228 11.60 4.16 15.80
N LEU A 229 10.47 4.28 16.50
CA LEU A 229 9.64 5.48 16.45
C LEU A 229 10.38 6.74 16.87
N VAL A 230 11.18 6.63 17.94
CA VAL A 230 11.96 7.75 18.43
C VAL A 230 12.89 8.24 17.32
N ARG A 231 13.52 7.31 16.62
CA ARG A 231 14.42 7.67 15.52
C ARG A 231 13.63 8.29 14.37
N HIS A 232 12.56 7.63 13.97
CA HIS A 232 11.73 8.12 12.87
C HIS A 232 11.15 9.51 13.13
N LEU A 233 10.82 9.80 14.38
CA LEU A 233 10.24 11.11 14.70
C LEU A 233 11.27 12.19 14.97
N THR A 234 12.52 11.80 15.18
CA THR A 234 13.56 12.78 15.48
C THR A 234 13.70 13.89 14.45
N PRO A 235 13.67 13.54 13.16
CA PRO A 235 13.80 14.66 12.21
C PRO A 235 12.55 15.54 11.97
N VAL A 236 11.43 15.26 12.63
CA VAL A 236 10.25 16.08 12.41
C VAL A 236 9.59 16.72 13.64
N ALA A 237 9.49 15.96 14.72
CA ALA A 237 8.86 16.47 15.93
C ALA A 237 9.68 17.57 16.62
N LYS A 238 9.02 18.38 17.44
CA LYS A 238 9.73 19.42 18.14
C LYS A 238 10.72 18.72 19.08
N HIS A 239 11.91 19.26 19.22
CA HIS A 239 12.92 18.69 20.10
C HIS A 239 12.69 19.20 21.52
N PRO A 240 12.87 18.33 22.52
CA PRO A 240 13.28 16.92 22.43
C PRO A 240 12.10 15.97 22.37
N ILE A 241 12.38 14.72 22.03
CA ILE A 241 11.35 13.69 21.98
C ILE A 241 11.42 13.00 23.34
N TYR A 242 10.27 12.78 23.95
CA TYR A 242 10.22 12.14 25.25
C TYR A 242 9.90 10.66 25.13
N GLN A 243 10.56 9.86 25.96
CA GLN A 243 10.34 8.43 25.96
C GLN A 243 10.21 7.94 27.39
N SER A 244 9.13 7.22 27.66
CA SER A 244 8.87 6.69 28.99
C SER A 244 9.34 5.24 29.08
N LEU A 245 10.41 5.02 29.84
CA LEU A 245 10.98 3.69 30.06
C LEU A 245 10.59 3.23 31.45
N LEU A 246 10.07 2.00 31.55
CA LEU A 246 9.66 1.43 32.83
C LEU A 246 10.63 1.82 33.95
N GLY A 247 11.91 1.52 33.76
CA GLY A 247 12.87 1.88 34.79
C GLY A 247 13.60 3.19 34.50
N GLY A 248 13.16 3.91 33.48
CA GLY A 248 13.84 5.15 33.13
C GLY A 248 14.97 4.79 32.19
N GLY A 249 15.75 5.78 31.78
CA GLY A 249 16.84 5.48 30.87
C GLY A 249 18.04 6.38 31.09
N ASP A 250 19.08 6.19 30.29
CA ASP A 250 20.29 6.99 30.44
C ASP A 250 20.42 8.14 29.43
N ILE A 251 19.61 8.12 28.37
CA ILE A 251 19.68 9.19 27.38
C ILE A 251 18.84 10.40 27.76
N GLN A 252 19.52 11.54 27.92
CA GLN A 252 18.89 12.80 28.28
C GLN A 252 19.57 13.90 27.46
N ASN A 253 19.38 13.88 26.15
CA ASN A 253 20.01 14.88 25.31
C ASN A 253 19.05 16.00 24.94
N GLU A 254 19.38 16.70 23.87
CA GLU A 254 18.55 17.79 23.39
C GLU A 254 17.46 17.24 22.49
N SER A 255 17.71 16.10 21.87
CA SER A 255 16.73 15.50 20.96
C SER A 255 16.00 14.31 21.60
N LEU A 256 16.59 13.74 22.65
CA LEU A 256 15.95 12.61 23.32
C LEU A 256 16.04 12.69 24.85
N GLN A 257 14.88 12.71 25.49
CA GLN A 257 14.79 12.77 26.95
C GLN A 257 14.06 11.54 27.48
N GLN A 258 14.81 10.53 27.88
CA GLN A 258 14.19 9.34 28.42
C GLN A 258 13.75 9.64 29.85
N VAL A 259 12.53 9.22 30.18
CA VAL A 259 11.98 9.46 31.50
C VAL A 259 11.36 8.18 32.04
N PRO A 260 11.16 8.10 33.36
CA PRO A 260 10.56 6.87 33.91
C PRO A 260 9.07 6.67 33.57
N GLU A 261 8.56 5.51 33.96
CA GLU A 261 7.17 5.12 33.75
C GLU A 261 6.14 6.19 34.14
N ILE A 262 4.94 6.09 33.58
CA ILE A 262 3.86 7.03 33.85
C ILE A 262 3.03 6.65 35.08
N THR A 263 2.68 7.64 35.88
CA THR A 263 1.86 7.42 37.07
C THR A 263 0.41 7.80 36.84
N LYS A 264 0.18 9.02 36.38
CA LYS A 264 -1.16 9.52 36.12
C LYS A 264 -1.20 10.49 34.96
N PHE A 265 -2.39 10.65 34.39
CA PHE A 265 -2.63 11.61 33.33
C PHE A 265 -3.62 12.57 33.98
N ASP A 266 -3.28 13.85 34.05
CA ASP A 266 -4.21 14.81 34.64
C ASP A 266 -5.04 15.35 33.50
N PRO A 267 -6.32 14.96 33.42
CA PRO A 267 -7.19 15.43 32.35
C PRO A 267 -7.47 16.94 32.36
N THR A 268 -7.58 17.54 33.54
CA THR A 268 -7.89 18.97 33.59
C THR A 268 -6.70 19.87 33.28
N THR A 269 -5.49 19.42 33.58
CA THR A 269 -4.31 20.24 33.28
C THR A 269 -3.50 19.63 32.13
N ARG A 270 -3.91 18.43 31.72
CA ARG A 270 -3.26 17.69 30.64
C ARG A 270 -1.76 17.58 30.88
N GLU A 271 -1.40 17.28 32.13
CA GLU A 271 -0.01 17.08 32.53
C GLU A 271 0.17 15.58 32.69
N ILE A 272 1.37 15.09 32.40
CA ILE A 272 1.65 13.67 32.51
C ILE A 272 2.62 13.46 33.67
N TYR A 273 2.16 12.72 34.68
CA TYR A 273 2.96 12.46 35.86
C TYR A 273 3.83 11.21 35.75
N LEU A 274 5.14 11.41 35.81
CA LEU A 274 6.10 10.33 35.70
C LEU A 274 6.60 9.95 37.09
N LYS A 275 6.87 8.66 37.28
CA LYS A 275 7.37 8.18 38.57
C LYS A 275 8.63 8.96 38.91
N GLY A 276 8.77 9.35 40.18
CA GLY A 276 9.93 10.11 40.59
C GLY A 276 9.61 11.59 40.68
N GLY A 277 8.35 11.94 40.50
CA GLY A 277 7.94 13.33 40.60
C GLY A 277 8.12 14.22 39.39
N LYS A 278 8.74 13.72 38.33
CA LYS A 278 8.92 14.52 37.12
C LYS A 278 7.56 14.67 36.43
N VAL A 279 7.26 15.88 35.96
CA VAL A 279 5.99 16.14 35.30
C VAL A 279 6.15 16.74 33.90
N LEU A 280 5.39 16.21 32.95
CA LEU A 280 5.44 16.70 31.56
C LEU A 280 4.16 17.43 31.20
N SER A 281 4.28 18.47 30.39
CA SER A 281 3.14 19.27 29.95
C SER A 281 3.29 19.73 28.50
N ASN A 282 2.18 20.09 27.88
CA ASN A 282 2.15 20.54 26.47
C ASN A 282 2.58 19.41 25.52
N ILE A 283 2.16 18.19 25.84
CA ILE A 283 2.48 17.03 25.03
C ILE A 283 1.37 16.87 23.98
N ASP A 284 1.70 17.16 22.73
CA ASP A 284 0.71 17.07 21.67
C ASP A 284 0.26 15.64 21.39
N ARG A 285 1.22 14.72 21.32
CA ARG A 285 0.92 13.32 21.05
C ARG A 285 1.58 12.36 22.03
N VAL A 286 0.83 11.38 22.49
CA VAL A 286 1.40 10.37 23.35
C VAL A 286 1.27 9.11 22.51
N ILE A 287 2.39 8.44 22.23
CA ILE A 287 2.33 7.22 21.42
C ILE A 287 2.76 5.95 22.16
N TYR A 288 1.77 5.10 22.43
CA TYR A 288 2.02 3.84 23.12
C TYR A 288 2.64 2.78 22.22
N CYS A 289 3.90 2.44 22.48
CA CYS A 289 4.58 1.40 21.73
C CYS A 289 4.75 0.25 22.71
N THR A 290 3.61 -0.22 23.24
CA THR A 290 3.57 -1.27 24.23
C THR A 290 3.06 -2.59 23.69
N GLY A 291 3.29 -2.82 22.40
CA GLY A 291 2.91 -4.07 21.79
C GLY A 291 1.44 -4.45 21.72
N TYR A 292 1.22 -5.76 21.56
CA TYR A 292 -0.13 -6.28 21.43
C TYR A 292 -0.44 -7.39 22.44
N LEU A 293 -1.63 -7.97 22.31
CA LEU A 293 -2.09 -9.04 23.16
C LEU A 293 -2.43 -10.21 22.25
N TYR A 294 -2.24 -11.42 22.74
CA TYR A 294 -2.57 -12.57 21.94
C TYR A 294 -4.09 -12.64 21.99
N SER A 295 -4.71 -13.23 20.98
CA SER A 295 -6.17 -13.25 20.93
C SER A 295 -6.74 -14.47 20.23
N VAL A 296 -7.76 -15.06 20.85
CA VAL A 296 -8.46 -16.22 20.29
C VAL A 296 -9.94 -15.86 20.37
N PRO A 297 -10.39 -14.93 19.52
CA PRO A 297 -11.77 -14.42 19.41
C PRO A 297 -12.78 -15.38 18.83
N PHE A 298 -12.84 -16.59 19.40
CA PHE A 298 -13.80 -17.58 18.94
C PHE A 298 -14.47 -18.09 20.20
N PRO A 299 -15.70 -17.61 20.44
CA PRO A 299 -16.56 -17.95 21.59
C PRO A 299 -16.36 -19.33 22.19
N SER A 300 -16.38 -20.36 21.36
CA SER A 300 -16.22 -21.72 21.84
C SER A 300 -14.86 -22.01 22.45
N LEU A 301 -13.86 -21.22 22.10
CA LEU A 301 -12.52 -21.42 22.62
C LEU A 301 -12.19 -20.39 23.69
N ALA A 302 -12.85 -19.24 23.63
CA ALA A 302 -12.63 -18.17 24.60
C ALA A 302 -13.30 -18.46 25.94
N LYS A 303 -14.41 -19.18 25.91
CA LYS A 303 -15.13 -19.49 27.14
C LYS A 303 -14.32 -20.43 28.03
N LEU A 304 -13.47 -21.25 27.40
CA LEU A 304 -12.64 -22.19 28.14
C LEU A 304 -11.80 -21.42 29.17
N LYS A 305 -12.04 -21.66 30.46
CA LYS A 305 -11.29 -20.96 31.50
C LYS A 305 -10.38 -21.90 32.30
N SER A 306 -10.78 -23.17 32.34
CA SER A 306 -10.07 -24.23 33.06
C SER A 306 -8.57 -24.30 32.82
N PRO A 307 -7.77 -24.48 33.88
CA PRO A 307 -6.32 -24.57 33.77
C PRO A 307 -5.84 -25.57 32.72
N GLU A 308 -6.56 -26.68 32.59
CA GLU A 308 -6.21 -27.71 31.64
C GLU A 308 -6.84 -27.54 30.25
N THR A 309 -7.75 -26.59 30.10
CA THR A 309 -8.38 -26.40 28.80
C THR A 309 -8.25 -25.01 28.19
N LYS A 310 -8.13 -23.99 29.05
CA LYS A 310 -8.02 -22.60 28.58
C LYS A 310 -6.91 -22.32 27.57
N LEU A 311 -7.19 -21.35 26.69
CA LEU A 311 -6.24 -20.94 25.67
C LEU A 311 -5.79 -19.52 25.97
N ILE A 312 -6.76 -18.65 26.26
CA ILE A 312 -6.48 -17.25 26.55
C ILE A 312 -7.01 -16.77 27.89
N ASP A 313 -6.20 -16.01 28.61
CA ASP A 313 -6.63 -15.43 29.87
C ASP A 313 -6.41 -13.92 29.76
N ASP A 314 -5.17 -13.47 29.92
CA ASP A 314 -4.89 -12.03 29.86
C ASP A 314 -4.30 -11.54 28.53
N GLY A 315 -4.07 -12.46 27.61
CA GLY A 315 -3.52 -12.09 26.31
C GLY A 315 -1.99 -12.03 26.27
N SER A 316 -1.36 -12.39 27.39
CA SER A 316 0.10 -12.39 27.46
C SER A 316 0.67 -13.54 26.62
N HIS A 317 -0.14 -14.56 26.39
CA HIS A 317 0.28 -15.73 25.63
C HIS A 317 -0.91 -16.66 25.45
N VAL A 318 -0.71 -17.70 24.65
CA VAL A 318 -1.75 -18.71 24.41
C VAL A 318 -1.33 -19.90 25.27
N HIS A 319 -2.20 -20.32 26.17
CA HIS A 319 -1.86 -21.42 27.06
C HIS A 319 -2.23 -22.82 26.55
N ASN A 320 -1.57 -23.82 27.13
CA ASN A 320 -1.79 -25.22 26.80
C ASN A 320 -1.41 -25.64 25.40
N VAL A 321 -0.33 -25.07 24.87
CA VAL A 321 0.09 -25.46 23.54
C VAL A 321 1.50 -26.05 23.56
N TYR A 322 1.55 -27.37 23.47
CA TYR A 322 2.81 -28.10 23.49
C TYR A 322 3.69 -27.65 22.36
N GLN A 323 4.93 -27.29 22.70
CA GLN A 323 5.92 -26.82 21.73
C GLN A 323 5.41 -25.56 21.03
N HIS A 324 4.40 -24.94 21.66
CA HIS A 324 3.78 -23.72 21.16
C HIS A 324 2.89 -23.99 19.96
N ILE A 325 2.71 -25.26 19.64
CA ILE A 325 1.91 -25.69 18.48
C ILE A 325 0.60 -26.42 18.82
N PHE A 326 0.72 -27.65 19.31
CA PHE A 326 -0.46 -28.46 19.60
C PHE A 326 -1.21 -28.28 20.92
N TYR A 327 -2.52 -28.07 20.80
CA TYR A 327 -3.39 -27.90 21.96
C TYR A 327 -3.35 -29.25 22.69
N ILE A 328 -2.70 -29.28 23.84
CA ILE A 328 -2.55 -30.51 24.60
C ILE A 328 -3.80 -31.40 24.75
N PRO A 329 -4.93 -30.84 25.20
CA PRO A 329 -6.15 -31.64 25.34
C PRO A 329 -6.63 -32.31 24.05
N ASP A 330 -6.49 -31.60 22.93
CA ASP A 330 -6.92 -32.10 21.62
C ASP A 330 -5.94 -31.61 20.55
N PRO A 331 -4.89 -32.39 20.27
CA PRO A 331 -3.90 -31.98 19.27
C PRO A 331 -4.39 -31.80 17.83
N THR A 332 -5.71 -31.86 17.59
CA THR A 332 -6.21 -31.64 16.24
C THR A 332 -6.43 -30.14 16.06
N LEU A 333 -6.14 -29.39 17.12
CA LEU A 333 -6.20 -27.94 17.11
C LEU A 333 -4.75 -27.50 17.33
N ALA A 334 -4.18 -26.78 16.38
CA ALA A 334 -2.80 -26.33 16.51
C ALA A 334 -2.62 -24.87 16.12
N PHE A 335 -1.51 -24.29 16.57
CA PHE A 335 -1.18 -22.90 16.30
C PHE A 335 0.20 -22.78 15.67
N VAL A 336 0.33 -21.87 14.70
CA VAL A 336 1.61 -21.65 14.05
C VAL A 336 1.77 -20.13 14.01
N GLY A 337 2.93 -19.64 14.42
CA GLY A 337 3.17 -18.21 14.40
C GLY A 337 3.17 -17.51 15.75
N LEU A 338 2.94 -18.26 16.83
CA LEU A 338 2.90 -17.71 18.18
C LEU A 338 4.24 -17.18 18.69
N ALA A 339 5.33 -17.72 18.15
CA ALA A 339 6.67 -17.34 18.58
C ALA A 339 6.90 -15.85 18.71
N LEU A 340 7.66 -15.49 19.74
CA LEU A 340 7.98 -14.10 20.02
C LEU A 340 9.50 -13.92 19.98
N HIS A 341 9.95 -12.78 19.46
CA HIS A 341 11.38 -12.47 19.36
C HIS A 341 12.11 -13.43 18.44
N VAL A 342 11.46 -13.78 17.33
CA VAL A 342 12.02 -14.68 16.35
C VAL A 342 12.03 -14.04 14.95
N VAL A 343 12.44 -14.85 13.97
CA VAL A 343 12.46 -14.46 12.57
C VAL A 343 11.27 -15.25 12.10
N PRO A 344 10.12 -14.58 12.00
CA PRO A 344 8.81 -15.12 11.60
C PRO A 344 8.70 -16.20 10.53
N PHE A 345 9.13 -15.91 9.31
CA PHE A 345 9.00 -16.90 8.22
C PHE A 345 9.71 -18.23 8.45
N PRO A 346 10.99 -18.20 8.83
CA PRO A 346 11.70 -19.47 9.06
C PRO A 346 11.12 -20.26 10.23
N THR A 347 10.80 -19.57 11.31
CA THR A 347 10.23 -20.21 12.49
C THR A 347 8.85 -20.78 12.23
N SER A 348 8.02 -20.06 11.49
CA SER A 348 6.69 -20.58 11.19
C SER A 348 6.79 -21.78 10.28
N GLN A 349 7.76 -21.76 9.38
CA GLN A 349 7.95 -22.87 8.45
C GLN A 349 8.41 -24.09 9.23
N ALA A 350 9.30 -23.85 10.19
CA ALA A 350 9.81 -24.93 11.04
C ALA A 350 8.66 -25.63 11.73
N GLN A 351 7.73 -24.84 12.28
CA GLN A 351 6.57 -25.41 12.95
C GLN A 351 5.65 -26.12 11.98
N ALA A 352 5.46 -25.52 10.80
CA ALA A 352 4.57 -26.10 9.78
C ALA A 352 5.04 -27.48 9.34
N ALA A 353 6.32 -27.60 9.02
CA ALA A 353 6.88 -28.87 8.58
C ALA A 353 6.57 -29.95 9.62
N PHE A 354 6.81 -29.61 10.89
CA PHE A 354 6.55 -30.53 12.00
C PHE A 354 5.07 -30.84 12.12
N LEU A 355 4.26 -29.79 12.05
CA LEU A 355 2.81 -29.95 12.16
C LEU A 355 2.29 -30.87 11.07
N ALA A 356 2.80 -30.68 9.85
CA ALA A 356 2.37 -31.50 8.72
C ALA A 356 2.63 -32.99 8.96
N ARG A 357 3.85 -33.33 9.35
CA ARG A 357 4.20 -34.73 9.58
C ARG A 357 3.52 -35.37 10.79
N VAL A 358 3.05 -34.54 11.72
CA VAL A 358 2.37 -35.06 12.91
C VAL A 358 0.90 -35.33 12.58
N TRP A 359 0.30 -34.47 11.77
CA TRP A 359 -1.11 -34.64 11.43
C TRP A 359 -1.32 -35.69 10.34
N SER A 360 -0.27 -36.04 9.61
CA SER A 360 -0.42 -37.05 8.57
C SER A 360 0.01 -38.40 9.12
N GLY A 361 0.31 -38.44 10.41
CA GLY A 361 0.72 -39.67 11.05
C GLY A 361 2.12 -40.15 10.76
N ARG A 362 2.95 -39.35 10.10
CA ARG A 362 4.32 -39.77 9.80
C ARG A 362 5.25 -39.53 10.99
N LEU A 363 4.72 -38.89 12.02
CA LEU A 363 5.45 -38.62 13.27
C LEU A 363 4.44 -38.74 14.40
N LYS A 364 4.94 -39.14 15.58
CA LYS A 364 4.09 -39.30 16.74
C LYS A 364 4.45 -38.32 17.86
N LEU A 365 3.45 -37.65 18.41
CA LEU A 365 3.68 -36.72 19.51
C LEU A 365 3.88 -37.55 20.77
N PRO A 366 4.73 -37.08 21.70
CA PRO A 366 4.93 -37.85 22.92
C PRO A 366 3.62 -37.87 23.73
N SER A 367 3.60 -38.68 24.78
CA SER A 367 2.44 -38.82 25.65
C SER A 367 1.87 -37.49 26.12
N LYS A 368 0.60 -37.50 26.48
CA LYS A 368 -0.06 -36.31 26.97
C LYS A 368 0.59 -35.85 28.26
N GLU A 369 0.99 -36.80 29.11
CA GLU A 369 1.61 -36.45 30.37
C GLU A 369 2.92 -35.70 30.16
N GLU A 370 3.74 -36.19 29.23
CA GLU A 370 5.02 -35.55 28.97
C GLU A 370 4.88 -34.17 28.34
N GLN A 371 3.83 -33.99 27.54
CA GLN A 371 3.58 -32.71 26.90
C GLN A 371 3.30 -31.70 27.99
N LEU A 372 2.48 -32.11 28.96
CA LEU A 372 2.13 -31.24 30.07
C LEU A 372 3.36 -30.95 30.93
N LYS A 373 4.33 -31.87 30.92
CA LYS A 373 5.55 -31.66 31.71
C LYS A 373 6.36 -30.55 31.05
N TRP A 374 6.43 -30.61 29.72
CA TRP A 374 7.14 -29.61 28.92
C TRP A 374 6.60 -28.24 29.33
N GLN A 375 5.27 -28.14 29.41
CA GLN A 375 4.61 -26.90 29.79
C GLN A 375 4.94 -26.51 31.23
N ASP A 376 4.92 -27.49 32.12
CA ASP A 376 5.24 -27.24 33.53
C ASP A 376 6.63 -26.66 33.67
N GLU A 377 7.61 -27.29 33.04
CA GLU A 377 8.98 -26.82 33.10
C GLU A 377 9.13 -25.42 32.52
N LEU A 378 8.34 -25.11 31.49
CA LEU A 378 8.39 -23.80 30.85
C LEU A 378 7.86 -22.72 31.77
N PHE A 380 7.64 -22.65 34.93
CA PHE A 380 8.58 -22.51 36.04
C PHE A 380 9.74 -21.58 35.69
N SER A 381 10.26 -21.71 34.47
CA SER A 381 11.37 -20.89 34.02
C SER A 381 10.96 -19.44 33.69
N LEU A 382 9.66 -19.20 33.57
CA LEU A 382 9.16 -17.86 33.27
C LEU A 382 9.06 -16.98 34.51
N SER A 383 8.96 -17.60 35.68
CA SER A 383 8.86 -16.87 36.96
C SER A 383 7.76 -15.82 36.97
N GLY A 384 6.54 -16.25 36.66
CA GLY A 384 5.41 -15.32 36.66
C GLY A 384 5.33 -14.39 35.47
N ALA A 385 6.41 -14.33 34.67
CA ALA A 385 6.44 -13.46 33.48
C ALA A 385 5.88 -14.23 32.29
N ASN A 386 4.57 -14.42 32.29
CA ASN A 386 3.90 -15.16 31.22
C ASN A 386 4.03 -14.59 29.83
N ASN A 387 4.22 -13.29 29.72
CA ASN A 387 4.37 -12.67 28.41
C ASN A 387 5.68 -13.09 27.71
N TYR A 389 6.30 -16.37 27.61
CA TYR A 389 5.92 -17.74 27.33
C TYR A 389 6.39 -18.25 25.98
N HIS A 390 6.05 -17.51 24.91
CA HIS A 390 6.43 -17.89 23.56
C HIS A 390 7.76 -17.33 23.10
N SER A 391 8.37 -16.46 23.88
CA SER A 391 9.66 -15.89 23.51
C SER A 391 10.75 -16.94 23.35
N LEU A 392 11.41 -16.93 22.20
CA LEU A 392 12.48 -17.87 21.91
C LEU A 392 13.71 -17.08 21.46
N ASP A 393 14.06 -16.03 22.19
CA ASP A 393 15.20 -15.22 21.80
C ASP A 393 16.44 -16.11 21.60
N TYR A 394 17.29 -15.75 20.64
CA TYR A 394 18.48 -16.54 20.38
C TYR A 394 19.19 -16.76 21.72
N PRO A 395 19.74 -17.97 21.95
CA PRO A 395 19.78 -19.14 21.07
C PRO A 395 18.59 -20.08 21.13
N LYS A 396 17.52 -19.69 21.80
CA LYS A 396 16.35 -20.56 21.89
C LYS A 396 15.73 -20.86 20.53
N ASP A 397 15.56 -19.82 19.71
CA ASP A 397 14.95 -20.01 18.40
C ASP A 397 15.81 -20.92 17.51
N ALA A 398 17.13 -20.74 17.54
CA ALA A 398 18.01 -21.57 16.73
C ALA A 398 17.90 -23.03 17.16
N THR A 399 18.03 -23.25 18.47
CA THR A 399 17.93 -24.59 19.04
C THR A 399 16.60 -25.20 18.68
N TYR A 400 15.55 -24.38 18.81
CA TYR A 400 14.19 -24.80 18.51
C TYR A 400 13.98 -25.18 17.03
N ILE A 401 14.34 -24.31 16.12
CA ILE A 401 14.11 -24.64 14.72
C ILE A 401 14.97 -25.85 14.32
N ASN A 402 16.15 -26.01 14.93
CA ASN A 402 16.98 -27.16 14.60
C ASN A 402 16.43 -28.43 15.26
N LYS A 403 15.75 -28.25 16.38
CA LYS A 403 15.15 -29.39 17.06
C LYS A 403 14.01 -29.94 16.19
N LEU A 404 13.18 -29.05 15.66
CA LEU A 404 12.07 -29.49 14.81
C LEU A 404 12.58 -30.07 13.50
N HIS A 405 13.71 -29.57 13.04
CA HIS A 405 14.29 -30.05 11.80
C HIS A 405 14.72 -31.50 11.95
N ASP A 406 15.24 -31.84 13.12
CA ASP A 406 15.71 -33.20 13.34
C ASP A 406 14.60 -34.19 13.63
N TRP A 407 13.47 -33.71 14.14
CA TRP A 407 12.33 -34.59 14.42
C TRP A 407 11.61 -34.90 13.11
N CYS A 408 11.66 -33.96 12.17
CA CYS A 408 11.02 -34.13 10.88
C CYS A 408 11.76 -35.17 10.05
N LYS A 409 13.10 -35.13 10.09
CA LYS A 409 13.91 -36.07 9.32
C LYS A 409 13.50 -37.50 9.65
N GLN A 410 13.05 -37.72 10.89
CA GLN A 410 12.65 -39.04 11.34
C GLN A 410 11.27 -39.48 10.84
N ALA A 411 10.61 -38.62 10.08
CA ALA A 411 9.29 -38.96 9.55
C ALA A 411 9.39 -40.16 8.62
N THR A 412 8.32 -40.95 8.57
CA THR A 412 8.25 -42.13 7.71
C THR A 412 6.82 -42.35 7.26
N PRO A 413 6.63 -42.82 6.01
CA PRO A 413 7.70 -43.12 5.06
C PRO A 413 8.34 -41.87 4.47
N VAL A 414 9.47 -42.04 3.82
CA VAL A 414 10.16 -40.93 3.16
C VAL A 414 9.46 -40.64 1.84
N LEU A 415 8.97 -39.41 1.70
CA LEU A 415 8.27 -39.02 0.48
C LEU A 415 9.26 -38.65 -0.61
N GLU A 416 8.83 -38.83 -1.86
CA GLU A 416 9.67 -38.51 -3.00
C GLU A 416 10.07 -37.04 -2.97
N GLU A 417 9.15 -36.20 -2.51
CA GLU A 417 9.38 -34.76 -2.39
C GLU A 417 9.10 -34.35 -0.95
N GLU A 418 10.17 -34.03 -0.23
CA GLU A 418 10.06 -33.64 1.17
C GLU A 418 10.02 -32.13 1.40
N PHE A 419 8.89 -31.65 1.91
CA PHE A 419 8.74 -30.24 2.22
C PHE A 419 9.93 -29.89 3.13
N PRO A 420 10.78 -28.94 2.73
CA PRO A 420 11.94 -28.56 3.52
C PRO A 420 11.68 -28.08 4.93
N SER A 421 12.65 -28.35 5.80
CA SER A 421 12.64 -27.98 7.21
C SER A 421 13.86 -27.08 7.33
N PRO A 422 13.70 -25.83 7.77
CA PRO A 422 14.89 -24.98 7.90
C PRO A 422 15.84 -25.47 8.99
N TYR A 423 17.11 -25.13 8.84
CA TYR A 423 18.15 -25.52 9.79
C TYR A 423 19.17 -24.40 9.84
N TRP A 424 19.52 -23.98 11.04
CA TRP A 424 20.49 -22.90 11.18
C TRP A 424 21.85 -23.43 11.61
N GLY A 425 22.78 -23.44 10.66
CA GLY A 425 24.12 -23.89 10.93
C GLY A 425 24.90 -22.86 11.71
N GLU A 426 26.21 -23.05 11.76
CA GLU A 426 27.11 -22.15 12.48
C GLU A 426 27.07 -20.75 11.87
N LYS A 427 27.00 -20.70 10.55
CA LYS A 427 26.97 -19.43 9.82
C LYS A 427 25.65 -18.69 10.05
N GLU A 428 24.54 -19.42 10.06
CA GLU A 428 23.23 -18.80 10.29
C GLU A 428 23.10 -18.31 11.73
N ARG A 429 23.41 -19.18 12.68
CA ARG A 429 23.31 -18.85 14.10
C ARG A 429 24.12 -17.60 14.43
N SER A 430 25.28 -17.48 13.82
CA SER A 430 26.15 -16.32 14.06
C SER A 430 25.45 -15.03 13.65
N ILE A 431 24.85 -15.03 12.48
CA ILE A 431 24.14 -13.85 11.99
C ILE A 431 22.96 -13.52 12.92
N ARG A 432 22.27 -14.56 13.37
CA ARG A 432 21.13 -14.39 14.29
C ARG A 432 21.57 -13.87 15.65
N GLU A 433 22.80 -14.21 16.07
CA GLU A 433 23.29 -13.76 17.36
C GLU A 433 23.62 -12.27 17.35
N ASN A 434 24.23 -11.80 16.26
CA ASN A 434 24.60 -10.40 16.16
C ASN A 434 23.62 -9.67 15.26
N TRP A 436 21.04 -7.74 15.70
CA TRP A 436 20.80 -6.33 15.95
C TRP A 436 22.01 -5.44 15.69
N SER A 437 23.21 -6.00 15.78
CA SER A 437 24.42 -5.23 15.52
C SER A 437 24.54 -5.07 14.01
N ILE A 438 24.23 -6.15 13.29
CA ILE A 438 24.30 -6.14 11.85
C ILE A 438 23.30 -5.12 11.34
N ARG A 439 22.13 -5.08 11.98
CA ARG A 439 21.08 -4.12 11.63
C ARG A 439 21.51 -2.69 11.95
N ALA A 440 22.00 -2.50 13.18
CA ALA A 440 22.44 -1.18 13.63
C ALA A 440 23.48 -0.60 12.67
N LYS A 441 24.42 -1.43 12.25
CA LYS A 441 25.45 -0.97 11.33
C LYS A 441 24.87 -0.68 9.95
N PHE A 442 23.92 -1.51 9.54
CA PHE A 442 23.29 -1.34 8.22
C PHE A 442 22.55 0.00 8.10
N PHE A 443 21.91 0.41 9.19
CA PHE A 443 21.16 1.66 9.20
C PHE A 443 21.97 2.76 9.86
N GLY A 444 23.20 2.43 10.26
CA GLY A 444 24.07 3.41 10.90
C GLY A 444 23.51 4.00 12.18
N ILE A 445 23.15 3.14 13.14
CA ILE A 445 22.60 3.64 14.40
C ILE A 445 23.29 3.15 15.69
N GLU A 446 22.51 3.00 16.76
CA GLU A 446 22.98 2.59 18.11
C GLU A 446 24.16 3.41 18.62
N LEU B 5 11.50 35.89 -17.32
CA LEU B 5 12.69 36.54 -16.69
C LEU B 5 13.91 35.65 -16.93
N PRO B 6 14.29 35.47 -18.20
CA PRO B 6 15.41 34.64 -18.66
C PRO B 6 16.40 34.07 -17.64
N THR B 7 17.18 34.89 -16.95
CA THR B 7 18.12 34.31 -15.99
C THR B 7 17.34 33.70 -14.83
N ILE B 8 17.01 32.43 -14.98
CA ILE B 8 16.25 31.72 -13.97
C ILE B 8 17.15 31.16 -12.89
N ARG B 9 16.76 31.37 -11.64
CA ARG B 9 17.53 30.88 -10.50
C ARG B 9 16.69 30.09 -9.50
N LYS B 10 15.46 30.52 -9.30
CA LYS B 10 14.57 29.86 -8.35
C LYS B 10 13.38 29.23 -9.06
N ILE B 11 13.35 27.90 -9.06
CA ILE B 11 12.31 27.15 -9.73
C ILE B 11 11.42 26.38 -8.76
N ALA B 12 10.12 26.40 -9.05
CA ALA B 12 9.16 25.69 -8.23
C ALA B 12 8.61 24.52 -9.08
N ILE B 13 8.43 23.38 -8.44
CA ILE B 13 7.91 22.19 -9.11
C ILE B 13 6.67 21.70 -8.36
N ILE B 14 5.54 21.65 -9.05
CA ILE B 14 4.28 21.22 -8.43
C ILE B 14 4.08 19.72 -8.66
N GLY B 15 4.30 18.95 -7.60
CA GLY B 15 4.16 17.52 -7.69
C GLY B 15 5.50 16.82 -7.52
N ALA B 16 5.51 15.75 -6.72
CA ALA B 16 6.71 14.98 -6.49
C ALA B 16 6.49 13.53 -6.95
N GLY B 17 5.77 13.38 -8.06
CA GLY B 17 5.53 12.07 -8.63
C GLY B 17 6.61 11.82 -9.67
N PRO B 18 6.51 10.74 -10.46
CA PRO B 18 7.52 10.44 -11.49
C PRO B 18 7.97 11.67 -12.32
N SER B 19 7.00 12.47 -12.77
CA SER B 19 7.29 13.65 -13.59
C SER B 19 8.04 14.73 -12.84
N GLY B 20 7.55 15.09 -11.65
CA GLY B 20 8.19 16.12 -10.85
C GLY B 20 9.61 15.71 -10.43
N LEU B 21 9.77 14.44 -10.08
CA LEU B 21 11.07 13.94 -9.66
C LEU B 21 12.13 13.98 -10.76
N VAL B 22 11.78 13.54 -11.97
CA VAL B 22 12.79 13.57 -13.02
C VAL B 22 13.04 15.02 -13.45
N THR B 23 12.06 15.88 -13.18
CA THR B 23 12.21 17.29 -13.50
C THR B 23 13.25 17.90 -12.56
N ALA B 24 13.20 17.50 -11.29
CA ALA B 24 14.14 18.01 -10.31
C ALA B 24 15.58 17.58 -10.65
N LYS B 25 15.77 16.31 -10.95
CA LYS B 25 17.11 15.81 -11.30
C LYS B 25 17.69 16.53 -12.52
N ALA B 26 16.89 16.64 -13.58
CA ALA B 26 17.33 17.32 -14.78
C ALA B 26 17.70 18.76 -14.43
N LEU B 27 16.82 19.44 -13.71
CA LEU B 27 17.07 20.82 -13.32
C LEU B 27 18.35 20.98 -12.51
N LEU B 28 18.50 20.20 -11.45
CA LEU B 28 19.71 20.27 -10.62
C LEU B 28 20.98 19.90 -11.39
N ALA B 29 20.86 19.09 -12.43
CA ALA B 29 22.03 18.70 -13.21
C ALA B 29 22.54 19.83 -14.10
N GLU B 30 21.76 20.91 -14.22
CA GLU B 30 22.18 22.04 -15.04
C GLU B 30 23.20 22.90 -14.28
N LYS B 31 23.26 22.74 -12.96
CA LYS B 31 24.19 23.51 -12.12
C LYS B 31 24.03 25.01 -12.37
N ALA B 32 22.82 25.46 -12.65
CA ALA B 32 22.59 26.87 -12.93
C ALA B 32 21.52 27.50 -12.08
N PHE B 33 20.83 26.71 -11.28
CA PHE B 33 19.76 27.26 -10.45
C PHE B 33 20.19 27.24 -9.01
N ASP B 34 19.78 28.26 -8.26
CA ASP B 34 20.14 28.36 -6.85
C ASP B 34 19.10 27.66 -5.99
N GLN B 35 17.90 27.52 -6.53
CA GLN B 35 16.83 26.88 -5.78
C GLN B 35 15.89 26.07 -6.66
N VAL B 36 15.78 24.79 -6.32
CA VAL B 36 14.87 23.88 -7.00
C VAL B 36 14.05 23.31 -5.86
N THR B 37 12.79 23.73 -5.79
CA THR B 37 11.90 23.28 -4.73
C THR B 37 10.71 22.50 -5.25
N LEU B 38 10.42 21.36 -4.63
CA LEU B 38 9.27 20.57 -5.03
C LEU B 38 8.17 20.66 -3.99
N PHE B 39 6.93 20.67 -4.44
CA PHE B 39 5.78 20.74 -3.54
C PHE B 39 4.97 19.47 -3.77
N GLU B 40 4.59 18.81 -2.68
CA GLU B 40 3.83 17.57 -2.77
C GLU B 40 2.83 17.49 -1.63
N ARG B 41 1.55 17.36 -1.98
CA ARG B 41 0.48 17.27 -0.99
C ARG B 41 0.55 15.95 -0.20
N ARG B 42 1.02 14.88 -0.84
CA ARG B 42 1.15 13.59 -0.17
C ARG B 42 2.31 13.68 0.82
N GLY B 43 2.34 12.76 1.78
CA GLY B 43 3.41 12.74 2.76
C GLY B 43 4.68 12.14 2.17
N SER B 44 4.54 11.52 1.00
CA SER B 44 5.68 10.90 0.30
C SER B 44 5.64 11.10 -1.22
N PRO B 45 6.80 11.04 -1.88
CA PRO B 45 6.93 11.20 -3.34
C PRO B 45 6.52 9.92 -4.08
N GLY B 46 6.50 9.99 -5.41
CA GLY B 46 6.14 8.83 -6.22
C GLY B 46 4.77 8.93 -6.88
N GLY B 47 4.04 10.00 -6.59
CA GLY B 47 2.72 10.19 -7.18
C GLY B 47 1.77 9.04 -6.96
N VAL B 48 1.11 8.62 -8.04
CA VAL B 48 0.14 7.52 -7.97
C VAL B 48 0.69 6.21 -7.45
N TRP B 49 2.00 6.03 -7.53
CA TRP B 49 2.57 4.79 -7.06
C TRP B 49 2.55 4.66 -5.53
N ASN B 50 1.73 5.48 -4.89
CA ASN B 50 1.55 5.40 -3.46
C ASN B 50 0.21 4.66 -3.29
N TYR B 51 0.24 3.33 -3.33
CA TYR B 51 -0.99 2.55 -3.19
C TYR B 51 -1.76 2.88 -1.91
N THR B 52 -3.07 3.08 -2.03
CA THR B 52 -3.91 3.40 -0.87
C THR B 52 -5.17 2.56 -0.77
N SER B 53 -5.32 1.84 0.34
CA SER B 53 -6.51 1.03 0.54
C SER B 53 -7.71 1.98 0.65
N THR B 54 -7.40 3.24 0.95
CA THR B 54 -8.39 4.29 1.11
C THR B 54 -8.96 4.76 -0.24
N LEU B 55 -10.28 4.90 -0.30
CA LEU B 55 -10.92 5.39 -1.52
C LEU B 55 -11.32 6.83 -1.29
N SER B 56 -11.67 7.50 -2.37
CA SER B 56 -12.11 8.87 -2.30
C SER B 56 -13.40 8.82 -1.49
N ASN B 57 -13.68 9.89 -0.77
CA ASN B 57 -14.88 9.94 0.05
C ASN B 57 -16.16 10.17 -0.77
N LYS B 58 -16.08 11.06 -1.77
CA LYS B 58 -17.24 11.37 -2.60
C LYS B 58 -16.94 11.40 -4.09
N LEU B 59 -17.41 10.40 -4.83
CA LEU B 59 -17.18 10.34 -6.28
C LEU B 59 -18.22 11.18 -7.01
N PRO B 60 -17.80 12.28 -7.64
CA PRO B 60 -18.79 13.07 -8.35
C PRO B 60 -19.42 12.28 -9.50
N VAL B 61 -20.75 12.23 -9.52
CA VAL B 61 -21.46 11.52 -10.57
C VAL B 61 -22.64 12.35 -11.05
N PRO B 62 -22.56 12.88 -12.29
CA PRO B 62 -21.42 12.71 -13.21
C PRO B 62 -20.29 13.66 -12.84
N SER B 63 -19.21 13.62 -13.60
CA SER B 63 -18.07 14.49 -13.39
C SER B 63 -17.62 15.06 -14.73
N THR B 64 -17.74 16.36 -14.90
CA THR B 64 -17.38 16.99 -16.16
C THR B 64 -16.58 18.26 -15.95
N ASN B 65 -16.45 18.68 -14.70
CA ASN B 65 -15.72 19.90 -14.38
C ASN B 65 -14.27 19.63 -13.97
N PRO B 66 -13.30 19.99 -14.85
CA PRO B 66 -11.89 19.78 -14.59
C PRO B 66 -11.31 20.64 -13.47
N ILE B 67 -12.14 21.41 -12.80
CA ILE B 67 -11.65 22.27 -11.74
C ILE B 67 -11.84 21.61 -10.38
N LEU B 68 -12.71 20.61 -10.34
CA LEU B 68 -13.03 19.86 -9.13
C LEU B 68 -11.85 19.76 -8.17
N THR B 69 -12.08 20.08 -6.90
CA THR B 69 -11.04 20.03 -5.89
C THR B 69 -10.91 18.64 -5.30
N THR B 70 -9.69 18.10 -5.32
CA THR B 70 -9.44 16.78 -4.75
C THR B 70 -9.50 16.88 -3.22
N GLU B 71 -10.46 16.17 -2.63
CA GLU B 71 -10.67 16.17 -1.19
C GLU B 71 -10.03 14.95 -0.53
N PRO B 72 -8.95 15.16 0.24
CA PRO B 72 -8.26 14.06 0.92
C PRO B 72 -9.05 13.48 2.09
N ILE B 73 -8.63 12.32 2.54
CA ILE B 73 -9.29 11.68 3.68
C ILE B 73 -8.53 12.13 4.93
N VAL B 74 -9.23 12.82 5.81
CA VAL B 74 -8.61 13.31 7.03
C VAL B 74 -9.13 12.60 8.26
N GLY B 75 -8.36 12.71 9.34
CA GLY B 75 -8.71 12.10 10.60
C GLY B 75 -7.82 12.74 11.64
N PRO B 76 -8.09 12.54 12.94
CA PRO B 76 -7.24 13.16 13.96
C PRO B 76 -5.94 12.40 14.22
N ALA B 77 -5.90 11.13 13.81
CA ALA B 77 -4.74 10.29 14.03
C ALA B 77 -3.84 10.03 12.82
N ALA B 78 -4.12 10.68 11.70
CA ALA B 78 -3.29 10.44 10.53
C ALA B 78 -3.03 11.70 9.74
N LEU B 79 -2.09 11.59 8.81
CA LEU B 79 -1.77 12.70 7.94
C LEU B 79 -2.82 12.59 6.84
N PRO B 80 -3.22 13.72 6.24
CA PRO B 80 -4.22 13.66 5.17
C PRO B 80 -3.77 12.71 4.06
N VAL B 81 -4.65 11.81 3.66
CA VAL B 81 -4.36 10.85 2.61
C VAL B 81 -5.04 11.22 1.28
N TYR B 82 -4.25 11.21 0.20
CA TYR B 82 -4.76 11.51 -1.12
C TYR B 82 -4.79 10.17 -1.84
N PRO B 83 -5.96 9.53 -1.90
CA PRO B 83 -6.14 8.24 -2.54
C PRO B 83 -5.62 8.19 -3.96
N SER B 84 -4.94 7.10 -4.29
CA SER B 84 -4.39 6.90 -5.62
C SER B 84 -5.29 5.91 -6.34
N PRO B 85 -5.40 6.03 -7.66
CA PRO B 85 -6.25 5.10 -8.41
C PRO B 85 -5.71 3.70 -8.64
N LEU B 86 -4.46 3.42 -8.26
CA LEU B 86 -3.91 2.09 -8.48
C LEU B 86 -4.65 1.01 -7.69
N TYR B 87 -4.93 -0.13 -8.32
CA TYR B 87 -5.60 -1.21 -7.62
C TYR B 87 -4.60 -2.24 -7.09
N ARG B 88 -5.11 -3.13 -6.23
CA ARG B 88 -4.29 -4.13 -5.57
C ARG B 88 -3.43 -5.06 -6.43
N ASP B 89 -4.05 -5.73 -7.38
CA ASP B 89 -3.32 -6.68 -8.20
C ASP B 89 -2.67 -6.10 -9.45
N LEU B 90 -2.60 -4.78 -9.53
CA LEU B 90 -2.05 -4.14 -10.71
C LEU B 90 -0.62 -4.50 -11.10
N GLN B 91 -0.44 -4.69 -12.40
CA GLN B 91 0.86 -4.99 -12.99
C GLN B 91 0.93 -4.05 -14.19
N THR B 92 2.14 -3.58 -14.51
CA THR B 92 2.29 -2.64 -15.60
C THR B 92 1.80 -3.13 -16.95
N ASN B 93 1.57 -2.18 -17.86
CA ASN B 93 1.18 -2.51 -19.21
C ASN B 93 2.31 -1.98 -20.09
N THR B 94 3.45 -1.70 -19.45
CA THR B 94 4.64 -1.19 -20.11
C THR B 94 5.84 -2.04 -19.69
N PRO B 95 6.56 -2.62 -20.66
CA PRO B 95 7.73 -3.48 -20.41
C PRO B 95 8.93 -2.80 -19.74
N ILE B 96 9.64 -3.54 -18.90
CA ILE B 96 10.79 -3.01 -18.19
C ILE B 96 11.90 -2.55 -19.13
N GLU B 97 11.89 -3.06 -20.37
CA GLU B 97 12.91 -2.66 -21.32
C GLU B 97 12.66 -1.24 -21.78
N LEU B 98 11.46 -0.74 -21.53
CA LEU B 98 11.10 0.59 -21.95
C LEU B 98 10.71 1.55 -20.84
N GLY B 100 10.56 3.30 -17.04
CA GLY B 100 11.70 3.65 -16.21
C GLY B 100 12.72 4.52 -16.91
N TYR B 101 13.40 5.32 -16.10
CA TYR B 101 14.42 6.25 -16.56
C TYR B 101 15.61 5.50 -17.18
N CYS B 102 16.32 6.16 -18.08
CA CYS B 102 17.45 5.50 -18.74
C CYS B 102 18.69 5.42 -17.86
N ASP B 103 18.74 6.19 -16.78
CA ASP B 103 19.89 6.12 -15.89
C ASP B 103 19.68 5.32 -14.59
N GLN B 104 18.54 4.63 -14.50
CA GLN B 104 18.24 3.77 -13.35
C GLN B 104 17.49 2.59 -13.93
N SER B 105 18.04 1.40 -13.79
CA SER B 105 17.38 0.24 -14.34
C SER B 105 16.72 -0.64 -13.28
N PHE B 106 16.05 -1.69 -13.73
CA PHE B 106 15.37 -2.58 -12.81
C PHE B 106 16.32 -3.68 -12.35
N LYS B 107 16.20 -4.08 -11.10
CA LYS B 107 17.05 -5.13 -10.57
C LYS B 107 16.83 -6.34 -11.48
N PRO B 108 17.82 -7.23 -11.56
CA PRO B 108 17.72 -8.44 -12.38
C PRO B 108 16.67 -9.40 -11.86
N GLN B 109 16.03 -10.12 -12.77
CA GLN B 109 14.97 -11.08 -12.43
C GLN B 109 13.62 -10.42 -12.20
N THR B 110 13.49 -9.19 -12.67
CA THR B 110 12.22 -8.47 -12.55
C THR B 110 11.31 -8.93 -13.69
N LEU B 111 10.02 -9.14 -13.40
CA LEU B 111 9.08 -9.54 -14.44
C LEU B 111 9.06 -8.44 -15.48
N GLN B 112 8.77 -8.79 -16.73
CA GLN B 112 8.77 -7.80 -17.81
C GLN B 112 7.66 -6.76 -17.59
N PHE B 113 6.55 -7.22 -17.02
CA PHE B 113 5.41 -6.37 -16.69
C PHE B 113 5.19 -6.66 -15.20
N PRO B 114 6.04 -6.07 -14.34
CA PRO B 114 5.99 -6.25 -12.90
C PRO B 114 4.81 -5.67 -12.16
N HIS B 115 4.66 -6.14 -10.93
CA HIS B 115 3.62 -5.70 -10.02
C HIS B 115 3.99 -4.28 -9.57
N ARG B 116 2.99 -3.52 -9.16
CA ARG B 116 3.24 -2.17 -8.72
C ARG B 116 4.24 -2.11 -7.60
N HIS B 117 4.37 -3.18 -6.80
CA HIS B 117 5.32 -3.18 -5.71
C HIS B 117 6.68 -2.76 -6.24
N THR B 118 7.07 -3.41 -7.35
CA THR B 118 8.35 -3.18 -8.00
C THR B 118 8.52 -1.71 -8.42
N ILE B 119 7.47 -1.13 -8.98
CA ILE B 119 7.52 0.24 -9.44
C ILE B 119 7.47 1.20 -8.25
N GLN B 120 6.70 0.85 -7.23
CA GLN B 120 6.62 1.71 -6.04
C GLN B 120 8.02 1.74 -5.42
N GLU B 121 8.67 0.57 -5.40
CA GLU B 121 10.02 0.47 -4.85
C GLU B 121 10.98 1.25 -5.74
N TYR B 122 10.71 1.20 -7.05
CA TYR B 122 11.52 1.90 -8.04
C TYR B 122 11.48 3.39 -7.72
N GLN B 123 10.27 3.96 -7.65
CA GLN B 123 10.11 5.38 -7.32
C GLN B 123 10.77 5.76 -6.01
N ARG B 124 10.58 4.93 -4.98
CA ARG B 124 11.17 5.20 -3.66
C ARG B 124 12.68 5.42 -3.81
N ILE B 125 13.34 4.49 -4.51
CA ILE B 125 14.77 4.60 -4.71
C ILE B 125 15.14 5.87 -5.48
N TYR B 126 14.40 6.13 -6.56
CA TYR B 126 14.66 7.30 -7.38
C TYR B 126 14.47 8.61 -6.63
N ALA B 127 13.44 8.67 -5.80
CA ALA B 127 13.14 9.90 -5.05
C ALA B 127 14.01 10.19 -3.82
N GLN B 128 14.53 9.15 -3.17
CA GLN B 128 15.32 9.37 -1.96
C GLN B 128 16.31 10.55 -1.95
N PRO B 129 17.23 10.64 -2.91
CA PRO B 129 18.15 11.78 -2.87
C PRO B 129 17.49 13.16 -3.00
N LEU B 130 16.21 13.17 -3.38
CA LEU B 130 15.48 14.41 -3.54
C LEU B 130 14.63 14.82 -2.34
N LEU B 131 14.54 13.98 -1.31
CA LEU B 131 13.74 14.31 -0.13
C LEU B 131 14.08 15.65 0.50
N PRO B 132 15.37 16.01 0.56
CA PRO B 132 15.67 17.30 1.17
C PRO B 132 15.23 18.49 0.31
N PHE B 133 14.93 18.23 -0.96
CA PHE B 133 14.48 19.29 -1.86
C PHE B 133 12.96 19.40 -1.93
N ILE B 134 12.26 18.43 -1.36
CA ILE B 134 10.80 18.43 -1.41
C ILE B 134 10.08 18.94 -0.16
N LYS B 135 9.00 19.68 -0.34
CA LYS B 135 8.22 20.14 0.82
C LYS B 135 7.02 19.21 0.79
N LEU B 136 7.08 18.20 1.65
CA LEU B 136 6.06 17.16 1.78
C LEU B 136 4.82 17.60 2.54
N ALA B 137 3.71 16.91 2.30
CA ALA B 137 2.43 17.23 2.93
C ALA B 137 2.18 18.72 2.84
N THR B 138 2.19 19.23 1.60
CA THR B 138 2.00 20.64 1.32
C THR B 138 1.28 20.81 -0.03
N ASP B 139 0.08 21.38 0.06
CA ASP B 139 -0.79 21.61 -1.07
C ASP B 139 -0.60 23.00 -1.67
N VAL B 140 -0.32 23.08 -2.97
CA VAL B 140 -0.16 24.36 -3.64
C VAL B 140 -1.57 24.79 -4.00
N LEU B 141 -1.99 25.94 -3.48
CA LEU B 141 -3.34 26.46 -3.71
C LEU B 141 -3.53 27.29 -4.96
N ASP B 142 -2.55 28.11 -5.30
CA ASP B 142 -2.67 28.95 -6.47
C ASP B 142 -1.34 29.38 -7.03
N ILE B 143 -1.34 29.74 -8.31
CA ILE B 143 -0.13 30.14 -8.99
C ILE B 143 -0.44 31.32 -9.92
N GLU B 144 0.30 32.42 -9.75
CA GLU B 144 0.11 33.58 -10.60
C GLU B 144 1.33 34.47 -10.72
N LYS B 145 1.43 35.13 -11.86
CA LYS B 145 2.53 36.04 -12.14
C LYS B 145 2.19 37.37 -11.48
N LYS B 146 3.05 37.79 -10.57
CA LYS B 146 2.87 39.04 -9.85
C LYS B 146 4.18 39.75 -10.07
N ASP B 147 4.12 41.01 -10.46
CA ASP B 147 5.33 41.77 -10.71
C ASP B 147 6.17 40.99 -11.74
N GLY B 148 7.44 40.75 -11.45
CA GLY B 148 8.25 40.02 -12.42
C GLY B 148 8.42 38.53 -12.20
N SER B 149 7.71 37.96 -11.22
CA SER B 149 7.85 36.53 -10.93
C SER B 149 6.54 35.81 -10.67
N TRP B 150 6.66 34.52 -10.35
CA TRP B 150 5.51 33.69 -10.06
C TRP B 150 5.31 33.58 -8.56
N VAL B 151 4.10 33.83 -8.12
CA VAL B 151 3.77 33.74 -6.70
C VAL B 151 2.96 32.46 -6.49
N VAL B 152 3.59 31.46 -5.87
CA VAL B 152 2.90 30.21 -5.61
C VAL B 152 2.44 30.19 -4.16
N THR B 153 1.13 30.18 -3.97
CA THR B 153 0.53 30.14 -2.65
C THR B 153 0.34 28.68 -2.27
N TYR B 154 0.75 28.33 -1.05
CA TYR B 154 0.68 26.95 -0.57
C TYR B 154 0.43 26.82 0.92
N LYS B 155 -0.43 25.88 1.29
CA LYS B 155 -0.77 25.63 2.68
C LYS B 155 -0.29 24.24 3.05
N GLY B 156 0.45 24.16 4.14
CA GLY B 156 0.95 22.88 4.59
C GLY B 156 -0.24 21.96 4.82
N THR B 157 -0.12 20.71 4.39
CA THR B 157 -1.19 19.76 4.62
C THR B 157 -1.05 19.45 6.10
N LYS B 158 -2.19 19.39 6.80
CA LYS B 158 -2.23 19.13 8.23
C LYS B 158 -3.11 20.22 8.83
N ALA B 159 -4.14 19.79 9.54
CA ALA B 159 -5.08 20.72 10.14
C ALA B 159 -4.39 21.89 10.82
N GLY B 160 -4.81 23.10 10.46
CA GLY B 160 -4.26 24.28 11.08
C GLY B 160 -2.98 24.86 10.52
N SER B 161 -2.60 24.48 9.31
CA SER B 161 -1.39 25.04 8.72
C SER B 161 -1.77 26.40 8.18
N PRO B 162 -0.85 27.37 8.26
CA PRO B 162 -1.10 28.72 7.77
C PRO B 162 -0.76 28.89 6.29
N ILE B 163 -1.57 29.64 5.57
CA ILE B 163 -1.32 29.85 4.15
C ILE B 163 -0.01 30.62 3.99
N SER B 164 0.85 30.10 3.12
CA SER B 164 2.15 30.70 2.87
C SER B 164 2.31 31.11 1.40
N LYS B 165 3.34 31.91 1.11
CA LYS B 165 3.61 32.38 -0.25
C LYS B 165 5.11 32.53 -0.51
N ASP B 166 5.51 32.20 -1.73
CA ASP B 166 6.92 32.32 -2.15
C ASP B 166 7.00 32.64 -3.64
N ILE B 167 7.97 33.47 -4.01
CA ILE B 167 8.13 33.86 -5.40
C ILE B 167 9.18 33.01 -6.10
N PHE B 168 8.96 32.76 -7.38
CA PHE B 168 9.89 31.97 -8.19
C PHE B 168 10.05 32.56 -9.58
N ASP B 169 11.17 32.23 -10.22
CA ASP B 169 11.44 32.71 -11.57
C ASP B 169 10.65 31.86 -12.57
N ALA B 170 10.59 30.57 -12.30
CA ALA B 170 9.89 29.61 -13.14
C ALA B 170 9.08 28.63 -12.29
N VAL B 171 8.11 27.98 -12.91
CA VAL B 171 7.26 27.02 -12.23
C VAL B 171 6.99 25.88 -13.18
N SER B 172 7.17 24.65 -12.72
CA SER B 172 6.94 23.47 -13.55
C SER B 172 5.81 22.65 -12.92
N ILE B 173 4.71 22.53 -13.65
CA ILE B 173 3.55 21.80 -13.17
C ILE B 173 3.61 20.34 -13.60
N CYS B 174 3.67 19.46 -12.60
CA CYS B 174 3.76 18.03 -12.81
C CYS B 174 2.74 17.34 -11.92
N ASN B 175 1.56 17.94 -11.82
CA ASN B 175 0.48 17.45 -10.97
C ASN B 175 -0.31 16.23 -11.44
N GLY B 176 0.06 15.65 -12.57
CA GLY B 176 -0.65 14.47 -13.05
C GLY B 176 -2.03 14.75 -13.61
N HIS B 177 -2.54 13.86 -14.46
CA HIS B 177 -3.86 14.04 -15.05
C HIS B 177 -4.77 12.83 -14.91
N TYR B 178 -4.65 12.12 -13.79
CA TYR B 178 -5.49 10.96 -13.51
C TYR B 178 -6.11 11.07 -12.12
N GLU B 179 -6.58 12.26 -11.77
CA GLU B 179 -7.20 12.48 -10.47
C GLU B 179 -8.68 12.79 -10.59
N VAL B 180 -8.99 13.83 -11.36
CA VAL B 180 -10.37 14.26 -11.60
C VAL B 180 -11.01 13.29 -12.58
N PRO B 181 -11.99 12.51 -12.12
CA PRO B 181 -12.70 11.53 -12.93
C PRO B 181 -13.56 12.16 -14.03
N TYR B 182 -13.75 11.42 -15.11
CA TYR B 182 -14.60 11.88 -16.17
C TYR B 182 -15.73 10.89 -16.32
N ILE B 183 -16.92 11.33 -15.96
CA ILE B 183 -18.10 10.49 -16.09
C ILE B 183 -19.10 11.37 -16.83
N PRO B 184 -19.38 11.04 -18.10
CA PRO B 184 -20.31 11.81 -18.94
C PRO B 184 -21.70 11.92 -18.33
N ASN B 185 -22.29 13.11 -18.41
CA ASN B 185 -23.62 13.32 -17.88
C ASN B 185 -24.69 12.71 -18.77
N ILE B 186 -25.18 11.55 -18.37
CA ILE B 186 -26.22 10.86 -19.10
C ILE B 186 -27.58 11.21 -18.50
N LYS B 187 -28.64 10.79 -19.17
CA LYS B 187 -30.00 11.06 -18.71
C LYS B 187 -30.36 10.21 -17.51
N GLY B 188 -30.55 10.87 -16.36
CA GLY B 188 -30.93 10.18 -15.15
C GLY B 188 -29.85 9.38 -14.44
N LEU B 189 -28.59 9.75 -14.62
CA LEU B 189 -27.49 9.04 -13.97
C LEU B 189 -27.31 9.55 -12.54
N ASP B 190 -27.37 10.87 -12.37
CA ASP B 190 -27.23 11.48 -11.06
C ASP B 190 -28.22 10.84 -10.08
N GLU B 191 -29.49 10.85 -10.44
CA GLU B 191 -30.52 10.29 -9.58
C GLU B 191 -30.27 8.82 -9.33
N TYR B 192 -30.11 8.06 -10.41
CA TYR B 192 -29.86 6.63 -10.33
C TYR B 192 -28.71 6.32 -9.38
N ALA B 193 -27.66 7.15 -9.44
CA ALA B 193 -26.49 6.97 -8.60
C ALA B 193 -26.77 7.24 -7.12
N LYS B 194 -27.38 8.38 -6.82
CA LYS B 194 -27.71 8.76 -5.44
C LYS B 194 -28.74 7.84 -4.79
N ALA B 195 -29.53 7.14 -5.60
CA ALA B 195 -30.55 6.23 -5.08
C ALA B 195 -29.92 5.06 -4.31
N VAL B 196 -28.91 4.42 -4.91
CA VAL B 196 -28.22 3.29 -4.28
C VAL B 196 -26.72 3.60 -4.28
N PRO B 197 -26.23 4.21 -3.19
CA PRO B 197 -24.84 4.62 -2.93
C PRO B 197 -23.65 3.92 -3.60
N GLY B 198 -23.64 2.61 -3.70
CA GLY B 198 -22.50 1.99 -4.36
C GLY B 198 -22.78 1.43 -5.75
N SER B 199 -23.94 1.81 -6.31
CA SER B 199 -24.37 1.33 -7.62
C SER B 199 -23.54 1.80 -8.80
N VAL B 200 -22.97 2.99 -8.69
CA VAL B 200 -22.16 3.54 -9.77
C VAL B 200 -20.74 3.84 -9.30
N LEU B 201 -19.76 3.30 -10.02
CA LEU B 201 -18.36 3.49 -9.67
C LEU B 201 -17.58 4.01 -10.87
N HIS B 202 -16.33 4.39 -10.62
CA HIS B 202 -15.41 4.86 -11.65
C HIS B 202 -14.14 4.06 -11.37
N SER B 203 -13.35 3.80 -12.40
CA SER B 203 -12.13 3.01 -12.25
C SER B 203 -11.21 3.43 -11.08
N SER B 204 -11.18 4.73 -10.77
CA SER B 204 -10.34 5.23 -9.69
C SER B 204 -10.69 4.66 -8.33
N LEU B 205 -11.86 4.03 -8.22
CA LEU B 205 -12.31 3.45 -6.97
C LEU B 205 -11.99 1.97 -6.85
N PHE B 206 -11.77 1.32 -7.98
CA PHE B 206 -11.48 -0.12 -7.95
C PHE B 206 -10.23 -0.42 -7.11
N ARG B 207 -10.27 -1.55 -6.39
CA ARG B 207 -9.15 -1.97 -5.55
C ARG B 207 -9.04 -3.48 -5.51
N GLU B 208 -10.06 -4.11 -4.95
CA GLU B 208 -10.09 -5.55 -4.82
C GLU B 208 -11.28 -6.17 -5.57
N PRO B 209 -11.00 -7.10 -6.49
CA PRO B 209 -12.08 -7.72 -7.24
C PRO B 209 -13.08 -8.53 -6.41
N GLU B 210 -12.65 -9.07 -5.27
CA GLU B 210 -13.54 -9.89 -4.44
C GLU B 210 -14.83 -9.18 -4.01
N LEU B 211 -14.85 -7.86 -4.12
CA LEU B 211 -16.03 -7.10 -3.75
C LEU B 211 -17.20 -7.46 -4.67
N PHE B 212 -16.89 -7.70 -5.95
CA PHE B 212 -17.91 -7.98 -6.94
C PHE B 212 -18.36 -9.43 -7.13
N VAL B 213 -17.96 -10.34 -6.25
CA VAL B 213 -18.39 -11.72 -6.42
C VAL B 213 -19.91 -11.81 -6.39
N GLY B 214 -20.48 -12.59 -7.32
CA GLY B 214 -21.92 -12.75 -7.37
C GLY B 214 -22.67 -11.56 -7.93
N GLU B 215 -22.03 -10.40 -7.97
CA GLU B 215 -22.68 -9.22 -8.51
C GLU B 215 -22.72 -9.18 -10.03
N SER B 216 -23.74 -8.53 -10.56
CA SER B 216 -23.93 -8.36 -12.00
C SER B 216 -23.36 -6.99 -12.34
N VAL B 217 -22.32 -6.97 -13.16
CA VAL B 217 -21.65 -5.71 -13.47
C VAL B 217 -21.68 -5.22 -14.91
N LEU B 218 -21.65 -3.90 -15.04
CA LEU B 218 -21.63 -3.25 -16.34
C LEU B 218 -20.41 -2.33 -16.37
N VAL B 219 -19.46 -2.66 -17.23
CA VAL B 219 -18.26 -1.87 -17.41
C VAL B 219 -18.58 -0.98 -18.62
N VAL B 220 -18.43 0.33 -18.47
CA VAL B 220 -18.69 1.25 -19.57
C VAL B 220 -17.38 1.86 -20.06
N GLY B 221 -17.03 1.55 -21.31
CA GLY B 221 -15.81 2.06 -21.90
C GLY B 221 -15.15 0.96 -22.70
N GLY B 222 -14.27 1.33 -23.63
CA GLY B 222 -13.61 0.32 -24.43
C GLY B 222 -12.10 0.41 -24.46
N ALA B 223 -11.55 1.40 -23.76
CA ALA B 223 -10.10 1.60 -23.69
C ALA B 223 -9.45 0.52 -22.84
N SER B 224 -8.11 0.52 -22.81
CA SER B 224 -7.33 -0.48 -22.06
C SER B 224 -7.85 -0.70 -20.64
N SER B 225 -8.11 0.39 -19.92
CA SER B 225 -8.59 0.29 -18.54
C SER B 225 -9.86 -0.54 -18.40
N ALA B 226 -10.79 -0.37 -19.33
CA ALA B 226 -12.05 -1.10 -19.29
C ALA B 226 -11.87 -2.57 -19.57
N ASN B 227 -10.99 -2.87 -20.52
CA ASN B 227 -10.73 -4.27 -20.87
C ASN B 227 -10.03 -4.98 -19.72
N ASP B 228 -9.18 -4.26 -19.00
CA ASP B 228 -8.47 -4.83 -17.87
C ASP B 228 -9.49 -5.25 -16.83
N LEU B 229 -10.40 -4.32 -16.51
CA LEU B 229 -11.44 -4.57 -15.52
C LEU B 229 -12.33 -5.75 -15.88
N VAL B 230 -12.70 -5.85 -17.15
CA VAL B 230 -13.52 -6.95 -17.62
C VAL B 230 -12.84 -8.28 -17.33
N ARG B 231 -11.53 -8.34 -17.58
CA ARG B 231 -10.76 -9.55 -17.33
C ARG B 231 -10.67 -9.81 -15.81
N HIS B 232 -10.32 -8.78 -15.06
CA HIS B 232 -10.18 -8.90 -13.61
C HIS B 232 -11.48 -9.34 -12.93
N LEU B 233 -12.62 -8.88 -13.44
CA LEU B 233 -13.89 -9.24 -12.85
C LEU B 233 -14.48 -10.55 -13.34
N THR B 234 -13.95 -11.07 -14.44
CA THR B 234 -14.47 -12.31 -14.99
C THR B 234 -14.49 -13.48 -14.01
N PRO B 235 -13.41 -13.66 -13.24
CA PRO B 235 -13.48 -14.79 -12.31
C PRO B 235 -14.33 -14.62 -11.05
N VAL B 236 -14.94 -13.45 -10.84
CA VAL B 236 -15.74 -13.26 -9.63
C VAL B 236 -17.19 -12.83 -9.79
N ALA B 237 -17.44 -11.90 -10.70
CA ALA B 237 -18.79 -11.41 -10.93
C ALA B 237 -19.71 -12.43 -11.57
N LYS B 238 -21.01 -12.25 -11.40
CA LYS B 238 -21.96 -13.18 -12.00
C LYS B 238 -21.79 -13.07 -13.52
N HIS B 239 -21.85 -14.20 -14.21
CA HIS B 239 -21.72 -14.20 -15.66
C HIS B 239 -23.08 -13.88 -16.27
N PRO B 240 -23.10 -13.11 -17.36
CA PRO B 240 -21.94 -12.51 -18.06
C PRO B 240 -21.64 -11.11 -17.56
N ILE B 241 -20.47 -10.59 -17.94
CA ILE B 241 -20.10 -9.24 -17.58
C ILE B 241 -20.50 -8.37 -18.76
N TYR B 242 -21.14 -7.24 -18.48
CA TYR B 242 -21.58 -6.35 -19.54
C TYR B 242 -20.61 -5.20 -19.75
N GLN B 243 -20.41 -4.85 -21.01
CA GLN B 243 -19.51 -3.76 -21.36
C GLN B 243 -20.17 -2.87 -22.40
N SER B 244 -20.22 -1.57 -22.10
CA SER B 244 -20.81 -0.61 -23.00
C SER B 244 -19.75 0.06 -23.87
N LEU B 245 -19.76 -0.28 -25.16
CA LEU B 245 -18.82 0.28 -26.13
C LEU B 245 -19.56 1.33 -26.96
N LEU B 246 -18.96 2.50 -27.10
CA LEU B 246 -19.56 3.59 -27.87
C LEU B 246 -20.24 3.05 -29.13
N GLY B 247 -19.51 2.31 -29.96
CA GLY B 247 -20.12 1.77 -31.15
C GLY B 247 -20.57 0.33 -31.00
N GLY B 248 -20.52 -0.19 -29.78
CA GLY B 248 -20.90 -1.58 -29.59
C GLY B 248 -19.66 -2.43 -29.82
N GLY B 249 -19.80 -3.75 -29.73
CA GLY B 249 -18.65 -4.59 -29.94
C GLY B 249 -19.02 -5.91 -30.57
N ASP B 250 -18.03 -6.77 -30.79
CA ASP B 250 -18.26 -8.07 -31.41
C ASP B 250 -18.33 -9.24 -30.44
N ILE B 251 -17.89 -9.04 -29.20
CA ILE B 251 -17.92 -10.11 -28.21
C ILE B 251 -19.27 -10.21 -27.51
N GLN B 252 -19.91 -11.36 -27.67
CA GLN B 252 -21.22 -11.64 -27.08
C GLN B 252 -21.21 -13.10 -26.61
N ASN B 253 -20.38 -13.40 -25.60
CA ASN B 253 -20.29 -14.76 -25.12
C ASN B 253 -21.12 -14.96 -23.86
N GLU B 254 -20.78 -16.00 -23.12
CA GLU B 254 -21.47 -16.33 -21.89
C GLU B 254 -20.86 -15.52 -20.73
N SER B 255 -19.59 -15.16 -20.86
CA SER B 255 -18.90 -14.40 -19.82
C SER B 255 -18.76 -12.93 -20.18
N LEU B 256 -18.86 -12.59 -21.47
CA LEU B 256 -18.76 -11.19 -21.88
C LEU B 256 -19.80 -10.80 -22.93
N GLN B 257 -20.61 -9.81 -22.59
CA GLN B 257 -21.65 -9.29 -23.48
C GLN B 257 -21.42 -7.81 -23.77
N GLN B 258 -20.74 -7.52 -24.89
CA GLN B 258 -20.50 -6.12 -25.24
C GLN B 258 -21.79 -5.55 -25.79
N VAL B 259 -22.12 -4.35 -25.36
CA VAL B 259 -23.34 -3.69 -25.79
C VAL B 259 -23.03 -2.25 -26.19
N PRO B 260 -23.92 -1.62 -26.95
CA PRO B 260 -23.67 -0.23 -27.34
C PRO B 260 -23.79 0.80 -26.21
N GLU B 261 -23.42 2.04 -26.52
CA GLU B 261 -23.46 3.17 -25.61
C GLU B 261 -24.76 3.29 -24.83
N ILE B 262 -24.71 4.00 -23.69
CA ILE B 262 -25.88 4.19 -22.84
C ILE B 262 -26.70 5.42 -23.22
N THR B 263 -28.02 5.27 -23.22
CA THR B 263 -28.93 6.36 -23.55
C THR B 263 -29.51 7.03 -22.30
N LYS B 264 -30.11 6.23 -21.44
CA LYS B 264 -30.70 6.73 -20.21
C LYS B 264 -30.62 5.73 -19.07
N PHE B 265 -30.73 6.25 -17.85
CA PHE B 265 -30.75 5.43 -16.65
C PHE B 265 -32.15 5.68 -16.11
N ASP B 266 -32.95 4.62 -15.95
CA ASP B 266 -34.28 4.82 -15.40
C ASP B 266 -34.16 4.65 -13.89
N PRO B 267 -34.26 5.75 -13.14
CA PRO B 267 -34.15 5.69 -11.68
C PRO B 267 -35.25 4.89 -10.97
N THR B 268 -36.49 4.97 -11.47
CA THR B 268 -37.58 4.25 -10.82
C THR B 268 -37.60 2.76 -11.10
N THR B 269 -37.10 2.33 -12.25
CA THR B 269 -37.09 0.89 -12.56
C THR B 269 -35.65 0.36 -12.52
N ARG B 270 -34.69 1.28 -12.41
CA ARG B 270 -33.28 0.96 -12.38
C ARG B 270 -32.88 0.09 -13.57
N GLU B 271 -33.37 0.48 -14.74
CA GLU B 271 -33.07 -0.20 -15.98
C GLU B 271 -32.09 0.71 -16.73
N ILE B 272 -31.19 0.13 -17.50
CA ILE B 272 -30.21 0.90 -18.24
C ILE B 272 -30.52 0.77 -19.72
N TYR B 273 -30.85 1.89 -20.34
CA TYR B 273 -31.19 1.92 -21.76
C TYR B 273 -29.99 2.10 -22.68
N LEU B 274 -29.74 1.11 -23.51
CA LEU B 274 -28.62 1.13 -24.44
C LEU B 274 -29.12 1.50 -25.84
N LYS B 275 -28.28 2.23 -26.58
CA LYS B 275 -28.65 2.65 -27.93
C LYS B 275 -29.00 1.39 -28.73
N GLY B 276 -30.04 1.49 -29.54
CA GLY B 276 -30.46 0.34 -30.32
C GLY B 276 -31.61 -0.39 -29.67
N GLY B 277 -32.15 0.19 -28.60
CA GLY B 277 -33.28 -0.42 -27.93
C GLY B 277 -33.02 -1.53 -26.91
N LYS B 278 -31.78 -1.98 -26.79
CA LYS B 278 -31.47 -3.04 -25.83
C LYS B 278 -31.56 -2.45 -24.42
N VAL B 279 -32.16 -3.20 -23.50
CA VAL B 279 -32.31 -2.73 -22.13
C VAL B 279 -31.75 -3.69 -21.10
N LEU B 280 -31.00 -3.16 -20.13
CA LEU B 280 -30.41 -3.96 -19.07
C LEU B 280 -31.08 -3.70 -17.73
N SER B 281 -31.20 -4.75 -16.92
CA SER B 281 -31.82 -4.65 -15.59
C SER B 281 -31.11 -5.54 -14.56
N ASN B 282 -31.30 -5.22 -13.28
CA ASN B 282 -30.68 -5.96 -12.18
C ASN B 282 -29.16 -5.84 -12.20
N ILE B 283 -28.68 -4.65 -12.55
CA ILE B 283 -27.26 -4.37 -12.62
C ILE B 283 -26.81 -3.88 -11.24
N ASP B 284 -26.09 -4.71 -10.52
CA ASP B 284 -25.63 -4.34 -9.18
C ASP B 284 -24.62 -3.20 -9.19
N ARG B 285 -23.65 -3.27 -10.09
CA ARG B 285 -22.63 -2.23 -10.19
C ARG B 285 -22.41 -1.73 -11.62
N VAL B 286 -22.31 -0.42 -11.76
CA VAL B 286 -22.00 0.16 -13.06
C VAL B 286 -20.62 0.79 -12.84
N ILE B 287 -19.62 0.37 -13.60
CA ILE B 287 -18.28 0.93 -13.44
C ILE B 287 -17.78 1.71 -14.64
N TYR B 288 -17.69 3.02 -14.46
CA TYR B 288 -17.22 3.92 -15.51
C TYR B 288 -15.70 3.89 -15.67
N CYS B 289 -15.24 3.35 -16.80
CA CYS B 289 -13.82 3.30 -17.12
C CYS B 289 -13.64 4.28 -18.28
N THR B 290 -14.05 5.52 -18.04
CA THR B 290 -14.00 6.58 -19.04
C THR B 290 -12.92 7.61 -18.79
N GLY B 291 -11.83 7.18 -18.17
CA GLY B 291 -10.70 8.05 -17.91
C GLY B 291 -10.88 9.26 -17.02
N TYR B 292 -9.98 10.22 -17.19
CA TYR B 292 -9.98 11.43 -16.40
C TYR B 292 -9.98 12.71 -17.25
N LEU B 293 -9.89 13.84 -16.57
CA LEU B 293 -9.88 15.13 -17.22
C LEU B 293 -8.60 15.81 -16.77
N TYR B 294 -8.03 16.65 -17.64
CA TYR B 294 -6.83 17.37 -17.25
C TYR B 294 -7.33 18.45 -16.30
N SER B 295 -6.47 18.91 -15.41
CA SER B 295 -6.89 19.90 -14.44
C SER B 295 -5.78 20.86 -14.00
N VAL B 296 -6.12 22.15 -13.94
CA VAL B 296 -5.19 23.19 -13.50
C VAL B 296 -5.97 24.00 -12.46
N PRO B 297 -6.19 23.40 -11.26
CA PRO B 297 -6.91 23.96 -10.11
C PRO B 297 -6.22 25.09 -9.38
N PHE B 298 -5.79 26.10 -10.12
CA PHE B 298 -5.12 27.24 -9.53
C PHE B 298 -5.83 28.46 -10.11
N PRO B 299 -6.72 29.06 -9.30
CA PRO B 299 -7.52 30.23 -9.62
C PRO B 299 -6.91 31.20 -10.62
N SER B 300 -5.68 31.62 -10.39
CA SER B 300 -5.03 32.56 -11.28
C SER B 300 -4.79 32.04 -12.69
N LEU B 301 -4.76 30.72 -12.84
CA LEU B 301 -4.54 30.12 -14.15
C LEU B 301 -5.84 29.59 -14.73
N ALA B 302 -6.79 29.27 -13.85
CA ALA B 302 -8.08 28.75 -14.29
C ALA B 302 -8.99 29.84 -14.84
N LYS B 303 -8.85 31.05 -14.33
CA LYS B 303 -9.69 32.16 -14.80
C LYS B 303 -9.37 32.53 -16.25
N LEU B 304 -8.13 32.27 -16.67
CA LEU B 304 -7.72 32.58 -18.03
C LEU B 304 -8.65 31.83 -18.99
N LYS B 305 -9.41 32.58 -19.79
CA LYS B 305 -10.32 31.96 -20.75
C LYS B 305 -9.92 32.24 -22.20
N SER B 306 -9.23 33.36 -22.39
CA SER B 306 -8.77 33.81 -23.71
C SER B 306 -8.06 32.76 -24.56
N PRO B 307 -8.39 32.70 -25.86
CA PRO B 307 -7.78 31.74 -26.77
C PRO B 307 -6.25 31.72 -26.71
N GLU B 308 -5.64 32.89 -26.54
CA GLU B 308 -4.20 33.01 -26.49
C GLU B 308 -3.61 32.85 -25.07
N THR B 309 -4.46 32.80 -24.05
CA THR B 309 -3.94 32.66 -22.70
C THR B 309 -4.42 31.45 -21.92
N LYS B 310 -5.64 30.99 -22.21
CA LYS B 310 -6.23 29.85 -21.50
C LYS B 310 -5.39 28.58 -21.46
N LEU B 311 -5.55 27.84 -20.36
CA LEU B 311 -4.85 26.58 -20.17
C LEU B 311 -5.86 25.44 -20.17
N ILE B 312 -6.96 25.64 -19.46
CA ILE B 312 -8.00 24.62 -19.36
C ILE B 312 -9.39 25.13 -19.74
N ASP B 313 -10.12 24.32 -20.50
CA ASP B 313 -11.48 24.65 -20.86
C ASP B 313 -12.36 23.48 -20.43
N ASP B 314 -12.36 22.39 -21.19
CA ASP B 314 -13.19 21.25 -20.86
C ASP B 314 -12.47 20.08 -20.20
N GLY B 315 -11.15 20.21 -20.03
CA GLY B 315 -10.36 19.16 -19.40
C GLY B 315 -9.88 18.09 -20.36
N SER B 316 -10.16 18.26 -21.65
CA SER B 316 -9.74 17.29 -22.65
C SER B 316 -8.23 17.39 -22.86
N HIS B 317 -7.65 18.53 -22.52
CA HIS B 317 -6.23 18.74 -22.69
C HIS B 317 -5.87 20.09 -22.09
N VAL B 318 -4.56 20.37 -22.04
CA VAL B 318 -4.06 21.65 -21.54
C VAL B 318 -3.69 22.45 -22.79
N HIS B 319 -4.29 23.62 -22.96
CA HIS B 319 -4.01 24.41 -24.15
C HIS B 319 -2.86 25.40 -24.04
N ASN B 320 -2.35 25.79 -25.20
CA ASN B 320 -1.25 26.75 -25.32
C ASN B 320 0.09 26.30 -24.77
N VAL B 321 0.40 25.01 -24.92
CA VAL B 321 1.68 24.53 -24.45
C VAL B 321 2.51 23.98 -25.58
N TYR B 322 3.50 24.78 -26.00
CA TYR B 322 4.37 24.41 -27.10
C TYR B 322 5.11 23.13 -26.77
N GLN B 323 5.05 22.18 -27.71
CA GLN B 323 5.70 20.87 -27.54
C GLN B 323 5.13 20.17 -26.31
N HIS B 324 3.97 20.63 -25.86
CA HIS B 324 3.28 20.09 -24.71
C HIS B 324 3.97 20.46 -23.41
N ILE B 325 4.98 21.33 -23.50
CA ILE B 325 5.76 21.76 -22.33
C ILE B 325 5.62 23.24 -21.94
N PHE B 326 6.15 24.12 -22.76
CA PHE B 326 6.13 25.55 -22.45
C PHE B 326 4.88 26.37 -22.78
N TYR B 327 4.40 27.09 -21.78
CA TYR B 327 3.25 27.97 -21.92
C TYR B 327 3.70 29.06 -22.89
N ILE B 328 3.15 29.04 -24.10
CA ILE B 328 3.54 30.00 -25.13
C ILE B 328 3.64 31.47 -24.69
N PRO B 329 2.59 32.01 -24.06
CA PRO B 329 2.63 33.42 -23.63
C PRO B 329 3.78 33.75 -22.68
N ASP B 330 4.09 32.81 -21.77
CA ASP B 330 5.15 32.98 -20.78
C ASP B 330 5.85 31.64 -20.54
N PRO B 331 6.89 31.34 -21.33
CA PRO B 331 7.61 30.08 -21.16
C PRO B 331 8.27 29.80 -19.80
N THR B 332 8.04 30.66 -18.80
CA THR B 332 8.63 30.39 -17.48
C THR B 332 7.65 29.50 -16.71
N LEU B 333 6.55 29.17 -17.36
CA LEU B 333 5.55 28.27 -16.83
C LEU B 333 5.58 27.07 -17.79
N ALA B 334 5.92 25.89 -17.28
CA ALA B 334 5.99 24.71 -18.14
C ALA B 334 5.30 23.50 -17.49
N PHE B 335 4.98 22.52 -18.32
CA PHE B 335 4.33 21.29 -17.87
C PHE B 335 5.12 20.06 -18.33
N VAL B 336 5.19 19.07 -17.46
CA VAL B 336 5.87 17.83 -17.78
C VAL B 336 4.93 16.71 -17.36
N GLY B 337 4.71 15.73 -18.24
CA GLY B 337 3.84 14.62 -17.91
C GLY B 337 2.47 14.63 -18.58
N LEU B 338 2.19 15.64 -19.40
CA LEU B 338 0.90 15.75 -20.08
C LEU B 338 0.64 14.68 -21.12
N ALA B 339 1.72 14.10 -21.66
CA ALA B 339 1.62 13.10 -22.71
C ALA B 339 0.61 12.00 -22.45
N LEU B 340 -0.09 11.62 -23.52
CA LEU B 340 -1.10 10.58 -23.45
C LEU B 340 -0.69 9.41 -24.36
N HIS B 341 -0.99 8.19 -23.92
CA HIS B 341 -0.66 6.99 -24.70
C HIS B 341 0.84 6.81 -24.89
N VAL B 342 1.59 7.12 -23.84
CA VAL B 342 3.03 6.99 -23.84
C VAL B 342 3.54 6.11 -22.70
N VAL B 343 4.84 6.01 -22.60
CA VAL B 343 5.52 5.28 -21.55
C VAL B 343 5.99 6.44 -20.68
N PRO B 344 5.22 6.76 -19.65
CA PRO B 344 5.43 7.85 -18.70
C PRO B 344 6.85 8.27 -18.27
N PHE B 345 7.60 7.37 -17.64
CA PHE B 345 8.94 7.74 -17.15
C PHE B 345 9.92 8.21 -18.22
N PRO B 346 10.06 7.46 -19.32
CA PRO B 346 10.99 7.87 -20.39
C PRO B 346 10.58 9.19 -21.03
N THR B 347 9.29 9.32 -21.31
CA THR B 347 8.75 10.52 -21.95
C THR B 347 8.87 11.76 -21.05
N SER B 348 8.59 11.59 -19.77
CA SER B 348 8.70 12.73 -18.85
C SER B 348 10.14 13.15 -18.71
N GLN B 349 11.05 12.17 -18.75
CA GLN B 349 12.46 12.47 -18.63
C GLN B 349 12.91 13.21 -19.88
N ALA B 350 12.41 12.77 -21.02
CA ALA B 350 12.75 13.40 -22.30
C ALA B 350 12.39 14.87 -22.23
N GLN B 351 11.19 15.17 -21.74
CA GLN B 351 10.76 16.56 -21.62
C GLN B 351 11.60 17.31 -20.58
N ALA B 352 11.89 16.66 -19.46
CA ALA B 352 12.68 17.29 -18.40
C ALA B 352 14.05 17.74 -18.87
N ALA B 353 14.78 16.84 -19.53
CA ALA B 353 16.10 17.16 -20.04
C ALA B 353 16.03 18.43 -20.91
N PHE B 354 15.04 18.46 -21.80
CA PHE B 354 14.84 19.60 -22.69
C PHE B 354 14.48 20.86 -21.89
N LEU B 355 13.54 20.70 -20.96
CA LEU B 355 13.11 21.81 -20.13
C LEU B 355 14.29 22.40 -19.37
N ALA B 356 15.13 21.52 -18.83
CA ALA B 356 16.30 21.97 -18.06
C ALA B 356 17.23 22.85 -18.90
N ARG B 357 17.59 22.36 -20.09
CA ARG B 357 18.50 23.12 -20.95
C ARG B 357 17.90 24.42 -21.51
N VAL B 358 16.58 24.51 -21.57
CA VAL B 358 15.93 25.70 -22.07
C VAL B 358 15.84 26.76 -20.97
N TRP B 359 15.60 26.33 -19.74
CA TRP B 359 15.51 27.28 -18.64
C TRP B 359 16.86 27.76 -18.14
N SER B 360 17.92 27.02 -18.44
CA SER B 360 19.25 27.44 -18.00
C SER B 360 19.94 28.21 -19.12
N GLY B 361 19.19 28.47 -20.19
CA GLY B 361 19.74 29.22 -21.30
C GLY B 361 20.72 28.49 -22.20
N ARG B 362 20.88 27.17 -22.01
CA ARG B 362 21.81 26.42 -22.86
C ARG B 362 21.16 26.04 -24.20
N LEU B 363 19.87 26.33 -24.33
CA LEU B 363 19.10 26.08 -25.54
C LEU B 363 18.10 27.22 -25.69
N LYS B 364 17.76 27.54 -26.94
CA LYS B 364 16.82 28.62 -27.22
C LYS B 364 15.54 28.10 -27.89
N LEU B 365 14.40 28.52 -27.36
CA LEU B 365 13.12 28.13 -27.94
C LEU B 365 12.89 28.96 -29.19
N PRO B 366 12.25 28.37 -30.21
CA PRO B 366 12.02 29.17 -31.41
C PRO B 366 11.06 30.33 -31.12
N SER B 367 10.93 31.23 -32.08
CA SER B 367 10.08 32.40 -31.94
C SER B 367 8.68 32.07 -31.42
N LYS B 368 8.04 33.06 -30.84
CA LYS B 368 6.69 32.89 -30.32
C LYS B 368 5.74 32.58 -31.47
N GLU B 369 5.94 33.23 -32.61
CA GLU B 369 5.07 33.00 -33.76
C GLU B 369 5.14 31.56 -34.23
N GLU B 370 6.35 31.01 -34.32
CA GLU B 370 6.50 29.63 -34.77
C GLU B 370 5.94 28.62 -33.77
N GLN B 371 6.00 28.94 -32.49
CA GLN B 371 5.48 28.05 -31.46
C GLN B 371 3.99 27.95 -31.67
N LEU B 372 3.37 29.10 -31.91
CA LEU B 372 1.93 29.14 -32.13
C LEU B 372 1.55 28.42 -33.43
N LYS B 373 2.49 28.34 -34.37
CA LYS B 373 2.22 27.65 -35.62
C LYS B 373 2.18 26.16 -35.33
N TRP B 374 3.13 25.71 -34.52
CA TRP B 374 3.21 24.30 -34.11
C TRP B 374 1.84 23.90 -33.56
N GLN B 375 1.28 24.76 -32.73
CA GLN B 375 -0.02 24.52 -32.11
C GLN B 375 -1.12 24.52 -33.15
N ASP B 376 -1.05 25.47 -34.08
CA ASP B 376 -2.04 25.58 -35.15
C ASP B 376 -2.08 24.30 -35.97
N GLU B 377 -0.92 23.83 -36.40
CA GLU B 377 -0.83 22.62 -37.18
C GLU B 377 -1.36 21.41 -36.43
N LEU B 378 -1.13 21.39 -35.11
CA LEU B 378 -1.58 20.28 -34.26
C LEU B 378 -3.11 20.25 -34.17
N PHE B 380 -5.30 21.42 -36.13
CA PHE B 380 -5.84 21.06 -37.43
C PHE B 380 -5.86 19.55 -37.64
N SER B 381 -4.80 18.88 -37.22
CA SER B 381 -4.69 17.43 -37.37
C SER B 381 -5.58 16.65 -36.40
N LEU B 382 -6.08 17.34 -35.37
CA LEU B 382 -6.95 16.69 -34.39
C LEU B 382 -8.40 16.59 -34.86
N SER B 383 -8.79 17.46 -35.79
CA SER B 383 -10.15 17.49 -36.33
C SER B 383 -11.22 17.56 -35.24
N GLY B 384 -11.12 18.57 -34.38
CA GLY B 384 -12.11 18.71 -33.32
C GLY B 384 -11.99 17.75 -32.15
N ALA B 385 -11.15 16.72 -32.30
CA ALA B 385 -10.94 15.74 -31.24
C ALA B 385 -9.81 16.21 -30.33
N ASN B 386 -10.10 17.23 -29.54
CA ASN B 386 -9.12 17.81 -28.63
C ASN B 386 -8.54 16.87 -27.59
N ASN B 387 -9.29 15.86 -27.19
CA ASN B 387 -8.80 14.91 -26.21
C ASN B 387 -7.64 14.06 -26.75
N TYR B 389 -5.14 15.75 -28.21
CA TYR B 389 -4.15 16.82 -28.24
C TYR B 389 -2.76 16.37 -27.80
N HIS B 390 -2.68 15.76 -26.62
CA HIS B 390 -1.39 15.30 -26.08
C HIS B 390 -1.03 13.87 -26.46
N SER B 391 -1.94 13.16 -27.11
CA SER B 391 -1.67 11.78 -27.51
C SER B 391 -0.49 11.68 -28.47
N LEU B 392 0.47 10.84 -28.12
CA LEU B 392 1.65 10.62 -28.96
C LEU B 392 1.83 9.13 -29.19
N ASP B 393 0.74 8.45 -29.57
CA ASP B 393 0.83 7.01 -29.79
C ASP B 393 1.95 6.70 -30.76
N TYR B 394 2.61 5.57 -30.57
CA TYR B 394 3.71 5.19 -31.45
C TYR B 394 3.21 5.31 -32.89
N PRO B 395 4.05 5.79 -33.81
CA PRO B 395 5.45 6.24 -33.65
C PRO B 395 5.65 7.67 -33.23
N LYS B 396 4.59 8.37 -32.84
CA LYS B 396 4.74 9.77 -32.43
C LYS B 396 5.66 9.93 -31.21
N ASP B 397 5.44 9.09 -30.19
CA ASP B 397 6.24 9.18 -28.98
C ASP B 397 7.71 8.90 -29.26
N ALA B 398 7.99 7.88 -30.07
CA ALA B 398 9.38 7.56 -30.39
C ALA B 398 10.04 8.75 -31.10
N THR B 399 9.37 9.24 -32.15
CA THR B 399 9.88 10.38 -32.92
C THR B 399 10.08 11.54 -31.99
N TYR B 400 9.12 11.76 -31.11
CA TYR B 400 9.14 12.85 -30.15
C TYR B 400 10.30 12.77 -29.15
N ILE B 401 10.44 11.64 -28.48
CA ILE B 401 11.52 11.54 -27.50
C ILE B 401 12.88 11.61 -28.21
N ASN B 402 12.97 11.14 -29.46
CA ASN B 402 14.24 11.21 -30.17
C ASN B 402 14.48 12.63 -30.68
N LYS B 403 13.39 13.36 -30.92
CA LYS B 403 13.52 14.74 -31.37
C LYS B 403 14.11 15.58 -30.23
N LEU B 404 13.58 15.39 -29.02
CA LEU B 404 14.07 16.14 -27.87
C LEU B 404 15.49 15.72 -27.52
N HIS B 405 15.83 14.47 -27.79
CA HIS B 405 17.16 13.99 -27.50
C HIS B 405 18.19 14.70 -28.37
N ASP B 406 17.82 14.95 -29.63
CA ASP B 406 18.74 15.60 -30.54
C ASP B 406 18.85 17.10 -30.33
N TRP B 407 17.81 17.73 -29.77
CA TRP B 407 17.86 19.15 -29.50
C TRP B 407 18.71 19.41 -28.26
N CYS B 408 18.70 18.45 -27.33
CA CYS B 408 19.47 18.57 -26.11
C CYS B 408 20.96 18.47 -26.40
N LYS B 409 21.34 17.54 -27.28
CA LYS B 409 22.75 17.35 -27.63
C LYS B 409 23.36 18.68 -28.07
N GLN B 410 22.55 19.54 -28.68
CA GLN B 410 23.01 20.84 -29.16
C GLN B 410 23.20 21.88 -28.06
N ALA B 411 22.89 21.50 -26.82
CA ALA B 411 23.05 22.46 -25.71
C ALA B 411 24.51 22.85 -25.55
N THR B 412 24.73 24.08 -25.08
CA THR B 412 26.07 24.61 -24.86
C THR B 412 26.04 25.58 -23.70
N PRO B 413 27.12 25.59 -22.89
CA PRO B 413 28.30 24.74 -23.07
C PRO B 413 28.06 23.28 -22.66
N VAL B 414 28.98 22.41 -23.03
CA VAL B 414 28.88 21.01 -22.68
C VAL B 414 29.33 20.85 -21.23
N LEU B 415 28.44 20.32 -20.39
CA LEU B 415 28.75 20.13 -18.98
C LEU B 415 29.55 18.85 -18.77
N GLU B 416 30.35 18.85 -17.72
CA GLU B 416 31.18 17.69 -17.39
C GLU B 416 30.29 16.46 -17.18
N GLU B 417 29.12 16.69 -16.59
CA GLU B 417 28.15 15.63 -16.35
C GLU B 417 26.82 16.03 -17.00
N GLU B 418 26.48 15.34 -18.08
CA GLU B 418 25.25 15.63 -18.81
C GLU B 418 24.07 14.76 -18.41
N PHE B 419 23.04 15.37 -17.85
CA PHE B 419 21.82 14.64 -17.48
C PHE B 419 21.38 13.92 -18.76
N PRO B 420 21.29 12.58 -18.72
CA PRO B 420 20.89 11.81 -19.90
C PRO B 420 19.54 12.16 -20.51
N SER B 421 19.46 11.97 -21.83
CA SER B 421 18.27 12.20 -22.63
C SER B 421 17.98 10.82 -23.22
N PRO B 422 16.78 10.28 -22.98
CA PRO B 422 16.52 8.95 -23.57
C PRO B 422 16.44 9.00 -25.10
N TYR B 423 16.74 7.86 -25.72
CA TYR B 423 16.71 7.74 -27.17
C TYR B 423 16.23 6.33 -27.50
N TRP B 424 15.26 6.21 -28.40
CA TRP B 424 14.75 4.90 -28.76
C TRP B 424 15.27 4.47 -30.12
N GLY B 425 16.21 3.53 -30.09
CA GLY B 425 16.77 3.01 -31.32
C GLY B 425 15.81 2.06 -32.00
N GLU B 426 16.33 1.32 -32.97
CA GLU B 426 15.55 0.37 -33.74
C GLU B 426 14.99 -0.73 -32.84
N LYS B 427 15.81 -1.16 -31.88
CA LYS B 427 15.42 -2.21 -30.95
C LYS B 427 14.34 -1.73 -29.98
N GLU B 428 14.46 -0.50 -29.49
CA GLU B 428 13.47 0.06 -28.58
C GLU B 428 12.15 0.31 -29.29
N ARG B 429 12.22 0.99 -30.44
CA ARG B 429 11.01 1.30 -31.20
C ARG B 429 10.21 0.06 -31.53
N SER B 430 10.92 -1.02 -31.86
CA SER B 430 10.26 -2.27 -32.19
C SER B 430 9.41 -2.78 -31.03
N ILE B 431 9.99 -2.76 -29.83
CA ILE B 431 9.30 -3.23 -28.64
C ILE B 431 8.08 -2.33 -28.37
N ARG B 432 8.24 -1.03 -28.58
CA ARG B 432 7.16 -0.08 -28.37
C ARG B 432 6.04 -0.25 -29.42
N GLU B 433 6.40 -0.73 -30.61
CA GLU B 433 5.40 -0.92 -31.66
C GLU B 433 4.51 -2.11 -31.37
N ASN B 434 5.11 -3.18 -30.89
CA ASN B 434 4.37 -4.40 -30.58
C ASN B 434 4.14 -4.51 -29.07
N TRP B 436 1.71 -3.89 -27.04
CA TRP B 436 0.51 -4.56 -26.56
C TRP B 436 0.46 -6.06 -26.88
N SER B 437 1.17 -6.47 -27.91
CA SER B 437 1.22 -7.87 -28.27
C SER B 437 2.15 -8.57 -27.30
N ILE B 438 3.24 -7.88 -26.98
CA ILE B 438 4.23 -8.42 -26.05
C ILE B 438 3.55 -8.59 -24.70
N ARG B 439 2.70 -7.61 -24.34
CA ARG B 439 1.96 -7.64 -23.10
C ARG B 439 0.91 -8.75 -23.11
N ALA B 440 0.14 -8.82 -24.19
CA ALA B 440 -0.90 -9.83 -24.34
C ALA B 440 -0.32 -11.22 -24.18
N LYS B 441 0.82 -11.47 -24.81
CA LYS B 441 1.44 -12.77 -24.73
C LYS B 441 1.98 -13.03 -23.33
N PHE B 442 2.50 -11.98 -22.69
CA PHE B 442 3.06 -12.10 -21.33
C PHE B 442 2.00 -12.54 -20.31
N PHE B 443 0.79 -12.00 -20.47
CA PHE B 443 -0.31 -12.31 -19.58
C PHE B 443 -1.23 -13.36 -20.18
N GLY B 444 -0.87 -13.83 -21.37
CA GLY B 444 -1.68 -14.84 -22.04
C GLY B 444 -3.10 -14.42 -22.32
N ILE B 445 -3.28 -13.29 -23.01
CA ILE B 445 -4.63 -12.82 -23.33
C ILE B 445 -4.93 -12.53 -24.81
N GLU B 446 -5.79 -11.54 -25.06
CA GLU B 446 -6.25 -11.14 -26.41
C GLU B 446 -6.77 -12.31 -27.27
#